data_7LFK
#
_entry.id   7LFK
#
_cell.length_a   63.430
_cell.length_b   69.100
_cell.length_c   54.800
_cell.angle_alpha   102.537
_cell.angle_beta   93.860
_cell.angle_gamma   114.100
#
_symmetry.space_group_name_H-M   'P 1'
#
loop_
_entity.id
_entity.type
_entity.pdbx_description
1 polymer 'Histocompatibility 2, M region locus 3'
2 polymer Beta-2-microglobulin
3 polymer 'Heptapeptide from NADH-ubiquinone oxidoreductase chain 1'
4 non-polymer 2-acetamido-2-deoxy-beta-D-glucopyranose
5 non-polymer 'SODIUM ION'
6 water water
#
loop_
_entity_poly.entity_id
_entity_poly.type
_entity_poly.pdbx_seq_one_letter_code
_entity_poly.pdbx_strand_id
1 'polypeptide(L)'
;GSHSLRYFHTAVSRPGRGEPQYISVGYVDDVQFQRCDSIEEIPRMEPRAPWMEKERPEYWKELKLKVKNIAQSARANLRT
LLRYYNQSEGGSHILQWMVSCEVGPDMRLLGAHYQAAYDGSDYITLNEDLSSWTAVDMVSQITKSRLESAGTAEYFRAYV
EGECLELLHRFLRNGKEILQRADPPKAHVAHHPRPKGDVTLRCWALGFYPADITLTWQKDEEDLTQDMELVETRPSGDGT
FQKWAAVVVPSGEEQRYTCYVHHEGLTEPLALKWRSHHHHHH
;
A,D
2 'polypeptide(L)'
;IQKTPQIQVYSRHPPENGKPNILNCYVTQFHPPHIEIQMLKNGKKIPKVEMSDMSFSKDWSFYILAHTEFTPTETDTYAC
RVKHDSMAEPKTVYWDRDM
;
B,E
3 'polypeptide(L)' (FME)FFINTL C,F
#
loop_
_chem_comp.id
_chem_comp.type
_chem_comp.name
_chem_comp.formula
NA non-polymer 'SODIUM ION' 'Na 1'
NAG D-saccharide, beta linking 2-acetamido-2-deoxy-beta-D-glucopyranose 'C8 H15 N O6'
#
# COMPACT_ATOMS: atom_id res chain seq x y z
N GLY A 1 6.20 -12.85 -15.55
CA GLY A 1 6.77 -14.16 -15.96
C GLY A 1 7.07 -15.00 -14.72
N SER A 2 6.87 -14.40 -13.54
CA SER A 2 7.16 -15.13 -12.31
C SER A 2 6.01 -16.05 -11.99
N HIS A 3 6.28 -17.01 -11.11
CA HIS A 3 5.28 -18.00 -10.71
C HIS A 3 5.35 -18.23 -9.22
N SER A 4 4.18 -18.45 -8.60
CA SER A 4 4.08 -18.66 -7.17
C SER A 4 3.30 -19.90 -6.81
N LEU A 5 3.77 -20.60 -5.77
CA LEU A 5 2.99 -21.63 -5.08
C LEU A 5 2.38 -21.01 -3.85
N ARG A 6 1.01 -21.12 -3.68
CA ARG A 6 0.35 -20.46 -2.57
C ARG A 6 -0.65 -21.39 -1.92
N TYR A 7 -0.71 -21.37 -0.60
CA TYR A 7 -1.66 -22.16 0.17
C TYR A 7 -2.43 -21.21 1.05
N PHE A 8 -3.75 -21.40 1.11
CA PHE A 8 -4.68 -20.57 1.92
C PHE A 8 -5.31 -21.45 2.97
N HIS A 9 -4.95 -21.27 4.23
CA HIS A 9 -5.29 -22.14 5.30
C HIS A 9 -6.32 -21.47 6.25
N THR A 10 -7.32 -22.21 6.65
CA THR A 10 -8.28 -21.74 7.64
C THR A 10 -8.55 -22.82 8.70
N ALA A 11 -8.57 -22.43 9.99
CA ALA A 11 -8.90 -23.29 11.09
C ALA A 11 -10.06 -22.62 11.85
N VAL A 12 -11.09 -23.37 12.16
CA VAL A 12 -12.28 -22.84 12.83
C VAL A 12 -12.49 -23.60 14.11
N SER A 13 -12.63 -22.88 15.22
CA SER A 13 -13.01 -23.51 16.47
C SER A 13 -14.55 -23.56 16.49
N ARG A 14 -15.13 -24.67 16.82
CA ARG A 14 -16.59 -24.84 16.85
C ARG A 14 -17.24 -24.54 15.49
N PRO A 15 -16.79 -25.20 14.44
CA PRO A 15 -17.49 -25.09 13.17
C PRO A 15 -18.90 -25.69 13.32
N GLY A 16 -19.68 -25.49 12.30
CA GLY A 16 -21.01 -26.08 12.32
C GLY A 16 -20.95 -27.55 12.00
N ARG A 17 -22.05 -28.26 12.31
CA ARG A 17 -22.13 -29.67 12.00
C ARG A 17 -21.77 -29.89 10.52
N GLY A 18 -20.87 -30.86 10.26
CA GLY A 18 -20.45 -31.14 8.90
C GLY A 18 -19.43 -30.21 8.29
N GLU A 19 -19.09 -29.09 8.96
CA GLU A 19 -18.18 -28.08 8.43
C GLU A 19 -16.73 -28.32 8.91
N PRO A 20 -15.74 -28.06 8.06
CA PRO A 20 -14.33 -28.35 8.43
C PRO A 20 -13.86 -27.60 9.67
N GLN A 21 -13.19 -28.35 10.58
CA GLN A 21 -12.32 -27.69 11.56
C GLN A 21 -11.07 -27.09 10.90
N TYR A 22 -10.59 -27.59 9.75
CA TYR A 22 -9.39 -27.14 9.08
C TYR A 22 -9.61 -27.38 7.61
N ILE A 23 -9.35 -26.37 6.78
CA ILE A 23 -9.34 -26.52 5.32
C ILE A 23 -8.20 -25.74 4.74
N SER A 24 -7.53 -26.29 3.71
CA SER A 24 -6.56 -25.51 2.99
C SER A 24 -6.66 -25.82 1.50
N VAL A 25 -6.53 -24.79 0.71
CA VAL A 25 -6.52 -24.91 -0.73
C VAL A 25 -5.18 -24.45 -1.27
N GLY A 26 -4.67 -25.15 -2.28
CA GLY A 26 -3.36 -24.87 -2.85
C GLY A 26 -3.51 -24.49 -4.33
N TYR A 27 -2.83 -23.43 -4.68
CA TYR A 27 -2.79 -22.83 -6.01
C TYR A 27 -1.37 -22.74 -6.52
N VAL A 28 -1.22 -22.87 -7.85
CA VAL A 28 -0.10 -22.30 -8.56
C VAL A 28 -0.68 -21.12 -9.33
N ASP A 29 -0.20 -19.91 -9.03
CA ASP A 29 -0.73 -18.70 -9.73
C ASP A 29 -2.25 -18.73 -9.54
N ASP A 30 -3.03 -18.65 -10.59
CA ASP A 30 -4.47 -18.53 -10.48
C ASP A 30 -5.19 -19.85 -10.78
N VAL A 31 -4.52 -20.97 -10.65
CA VAL A 31 -5.05 -22.35 -10.87
C VAL A 31 -4.96 -23.17 -9.61
N GLN A 32 -6.17 -23.53 -9.08
CA GLN A 32 -6.17 -24.39 -7.88
C GLN A 32 -5.76 -25.80 -8.24
N PHE A 33 -4.93 -26.44 -7.40
CA PHE A 33 -4.51 -27.85 -7.62
C PHE A 33 -4.91 -28.85 -6.55
N GLN A 34 -5.37 -28.42 -5.36
CA GLN A 34 -5.91 -29.40 -4.42
C GLN A 34 -6.73 -28.71 -3.31
N ARG A 35 -7.57 -29.54 -2.68
CA ARG A 35 -8.26 -29.25 -1.42
C ARG A 35 -7.84 -30.23 -0.35
N CYS A 36 -7.50 -29.75 0.83
CA CYS A 36 -7.35 -30.64 2.02
C CYS A 36 -8.30 -30.16 3.11
N ASP A 37 -8.90 -31.11 3.83
CA ASP A 37 -9.63 -30.66 5.01
C ASP A 37 -9.62 -31.72 6.07
N SER A 38 -10.18 -31.34 7.22
CA SER A 38 -10.35 -32.24 8.35
C SER A 38 -11.71 -31.95 8.98
N ILE A 39 -12.60 -32.94 9.02
CA ILE A 39 -13.94 -32.82 9.59
C ILE A 39 -14.09 -33.93 10.64
N GLU A 40 -14.33 -33.55 11.89
CA GLU A 40 -14.46 -34.52 12.99
C GLU A 40 -13.26 -35.47 13.04
N GLU A 41 -12.10 -34.90 12.80
CA GLU A 41 -10.75 -35.46 12.89
C GLU A 41 -10.36 -36.30 11.68
N ILE A 42 -11.26 -36.48 10.71
CA ILE A 42 -11.00 -37.30 9.53
C ILE A 42 -10.38 -36.41 8.45
N PRO A 43 -9.15 -36.68 8.00
CA PRO A 43 -8.55 -35.92 6.91
C PRO A 43 -8.97 -36.43 5.55
N ARG A 44 -9.13 -35.48 4.63
CA ARG A 44 -9.52 -35.86 3.26
C ARG A 44 -8.78 -34.94 2.30
N MET A 45 -8.44 -35.47 1.14
CA MET A 45 -7.70 -34.70 0.14
C MET A 45 -8.34 -34.90 -1.23
N GLU A 46 -8.45 -33.81 -2.04
CA GLU A 46 -8.94 -34.00 -3.41
C GLU A 46 -8.06 -33.22 -4.40
N PRO A 47 -7.68 -33.82 -5.53
CA PRO A 47 -7.04 -33.07 -6.59
C PRO A 47 -8.05 -32.19 -7.32
N ARG A 48 -7.52 -31.11 -7.88
CA ARG A 48 -8.32 -30.12 -8.58
C ARG A 48 -7.73 -29.72 -9.93
N ALA A 49 -6.50 -30.06 -10.25
CA ALA A 49 -5.97 -29.79 -11.58
C ALA A 49 -5.47 -31.07 -12.22
N PRO A 50 -5.38 -31.14 -13.57
CA PRO A 50 -5.06 -32.43 -14.21
C PRO A 50 -3.67 -32.96 -13.91
N TRP A 51 -2.67 -32.07 -13.78
CA TRP A 51 -1.33 -32.58 -13.55
C TRP A 51 -1.22 -33.37 -12.25
N MET A 52 -2.17 -33.24 -11.34
CA MET A 52 -2.07 -33.93 -10.07
C MET A 52 -2.25 -35.43 -10.23
N GLU A 53 -2.83 -35.87 -11.35
CA GLU A 53 -2.88 -37.28 -11.62
C GLU A 53 -1.50 -37.91 -11.77
N LYS A 54 -0.47 -37.11 -12.01
CA LYS A 54 0.89 -37.64 -12.16
C LYS A 54 1.61 -37.81 -10.82
N GLU A 55 1.07 -37.29 -9.75
CA GLU A 55 1.68 -37.49 -8.44
C GLU A 55 1.60 -38.94 -8.03
N ARG A 56 2.61 -39.38 -7.29
CA ARG A 56 2.64 -40.76 -6.83
C ARG A 56 1.91 -40.95 -5.51
N PRO A 57 1.66 -42.21 -5.12
CA PRO A 57 0.84 -42.43 -3.93
C PRO A 57 1.45 -41.91 -2.66
N GLU A 58 2.78 -41.89 -2.55
CA GLU A 58 3.39 -41.38 -1.35
C GLU A 58 3.21 -39.89 -1.17
N TYR A 59 2.94 -39.13 -2.26
CA TYR A 59 2.63 -37.72 -2.11
C TYR A 59 1.38 -37.59 -1.27
N TRP A 60 0.37 -38.39 -1.58
CA TRP A 60 -0.93 -38.25 -0.88
C TRP A 60 -0.85 -38.84 0.53
N LYS A 61 -0.02 -39.87 0.75
CA LYS A 61 0.13 -40.43 2.09
C LYS A 61 0.88 -39.44 2.97
N GLU A 62 1.94 -38.83 2.45
CA GLU A 62 2.63 -37.83 3.28
C GLU A 62 1.74 -36.63 3.55
N LEU A 63 0.91 -36.25 2.56
CA LEU A 63 0.03 -35.11 2.72
C LEU A 63 -1.05 -35.38 3.76
N LYS A 64 -1.60 -36.60 3.77
CA LYS A 64 -2.61 -36.93 4.78
C LYS A 64 -2.05 -36.75 6.18
N LEU A 65 -0.81 -37.19 6.42
CA LEU A 65 -0.17 -37.06 7.73
C LEU A 65 0.01 -35.58 8.08
N LYS A 66 0.38 -34.77 7.09
CA LYS A 66 0.58 -33.35 7.30
C LYS A 66 -0.75 -32.66 7.66
N VAL A 67 -1.86 -33.08 7.02
CA VAL A 67 -3.16 -32.54 7.35
C VAL A 67 -3.56 -32.85 8.80
N LYS A 68 -3.39 -34.09 9.22
CA LYS A 68 -3.70 -34.45 10.61
C LYS A 68 -2.88 -33.60 11.60
N ASN A 69 -1.58 -33.47 11.34
CA ASN A 69 -0.68 -32.74 12.23
C ASN A 69 -1.00 -31.25 12.26
N ILE A 70 -1.21 -30.65 11.09
CA ILE A 70 -1.57 -29.23 11.03
C ILE A 70 -2.93 -28.95 11.67
N ALA A 71 -3.93 -29.80 11.42
CA ALA A 71 -5.23 -29.63 12.07
C ALA A 71 -5.15 -29.67 13.60
N GLN A 72 -4.36 -30.60 14.17
CA GLN A 72 -4.22 -30.65 15.62
C GLN A 72 -3.47 -29.41 16.13
N SER A 73 -2.41 -29.02 15.45
CA SER A 73 -1.65 -27.85 15.90
C SER A 73 -2.45 -26.55 15.77
N ALA A 74 -3.28 -26.45 14.76
CA ALA A 74 -4.13 -25.25 14.59
C ALA A 74 -5.23 -25.20 15.64
N ARG A 75 -5.85 -26.35 15.96
CA ARG A 75 -6.81 -26.41 17.09
C ARG A 75 -6.18 -25.95 18.38
N ALA A 76 -4.97 -26.46 18.69
CA ALA A 76 -4.30 -26.05 19.91
C ALA A 76 -3.95 -24.56 19.88
N ASN A 77 -3.54 -24.06 18.73
CA ASN A 77 -3.29 -22.62 18.56
C ASN A 77 -4.54 -21.77 18.85
N LEU A 78 -5.71 -22.22 18.38
CA LEU A 78 -6.95 -21.52 18.67
C LEU A 78 -7.22 -21.48 20.15
N ARG A 79 -6.91 -22.59 20.86
CA ARG A 79 -7.20 -22.58 22.30
C ARG A 79 -6.29 -21.61 23.02
N THR A 80 -5.01 -21.57 22.68
CA THR A 80 -4.09 -20.62 23.32
C THR A 80 -4.49 -19.18 23.03
N LEU A 81 -4.86 -18.88 21.79
CA LEU A 81 -5.31 -17.51 21.41
C LEU A 81 -6.50 -17.09 22.26
N LEU A 82 -7.49 -17.97 22.41
CA LEU A 82 -8.65 -17.68 23.25
C LEU A 82 -8.19 -17.21 24.62
N ARG A 83 -7.22 -17.91 25.21
CA ARG A 83 -6.80 -17.58 26.57
C ARG A 83 -6.02 -16.27 26.59
N TYR A 84 -5.11 -16.06 25.63
CA TYR A 84 -4.28 -14.87 25.71
C TYR A 84 -5.10 -13.60 25.49
N TYR A 85 -6.20 -13.69 24.73
CA TYR A 85 -7.10 -12.55 24.52
C TYR A 85 -8.25 -12.50 25.54
N ASN A 86 -8.18 -13.28 26.61
CA ASN A 86 -9.24 -13.31 27.64
C ASN A 86 -10.63 -13.30 26.99
N GLN A 87 -10.83 -14.21 26.03
CA GLN A 87 -12.13 -14.41 25.40
C GLN A 87 -12.89 -15.55 26.08
N SER A 88 -14.22 -15.50 25.95
CA SER A 88 -15.08 -16.49 26.60
C SER A 88 -15.08 -17.79 25.83
N GLU A 89 -15.20 -18.89 26.55
CA GLU A 89 -15.40 -20.17 25.88
C GLU A 89 -16.81 -20.22 25.27
N GLY A 90 -16.95 -21.02 24.23
CA GLY A 90 -18.23 -21.28 23.62
C GLY A 90 -18.42 -20.64 22.27
N GLY A 91 -17.65 -19.61 21.94
CA GLY A 91 -17.79 -19.00 20.65
C GLY A 91 -16.87 -19.64 19.65
N SER A 92 -17.15 -19.37 18.37
CA SER A 92 -16.32 -19.87 17.28
C SER A 92 -15.39 -18.75 16.83
N HIS A 93 -14.10 -19.07 16.72
CA HIS A 93 -13.05 -18.13 16.28
C HIS A 93 -12.29 -18.71 15.08
N ILE A 94 -11.57 -17.86 14.36
CA ILE A 94 -11.04 -18.21 13.06
C ILE A 94 -9.55 -17.89 13.05
N LEU A 95 -8.75 -18.85 12.62
CA LEU A 95 -7.30 -18.62 12.43
C LEU A 95 -6.96 -18.97 10.98
N GLN A 96 -6.45 -17.96 10.28
CA GLN A 96 -6.10 -18.14 8.91
C GLN A 96 -4.60 -17.90 8.74
N TRP A 97 -4.01 -18.48 7.68
CA TRP A 97 -2.62 -18.18 7.38
C TRP A 97 -2.39 -18.54 5.91
N MET A 98 -1.41 -17.77 5.32
CA MET A 98 -1.05 -17.94 3.93
CA MET A 98 -1.04 -17.90 3.92
C MET A 98 0.44 -18.27 3.89
N VAL A 99 0.77 -19.23 3.00
CA VAL A 99 2.15 -19.73 2.83
C VAL A 99 2.42 -19.67 1.35
N SER A 100 3.53 -19.04 0.96
CA SER A 100 3.85 -18.96 -0.47
C SER A 100 5.34 -18.90 -0.72
N CYS A 101 5.74 -19.36 -1.90
CA CYS A 101 7.10 -19.09 -2.44
C CYS A 101 6.92 -18.64 -3.88
N GLU A 102 7.90 -17.87 -4.40
CA GLU A 102 7.83 -17.24 -5.74
C GLU A 102 9.15 -17.43 -6.42
N VAL A 103 9.12 -17.79 -7.72
CA VAL A 103 10.33 -17.94 -8.56
C VAL A 103 10.18 -17.08 -9.81
N GLY A 104 11.34 -16.74 -10.42
CA GLY A 104 11.33 -16.07 -11.71
C GLY A 104 11.42 -17.02 -12.86
N PRO A 105 11.55 -16.48 -14.08
CA PRO A 105 11.58 -17.35 -15.28
C PRO A 105 12.77 -18.32 -15.32
N ASP A 106 13.93 -17.94 -14.76
CA ASP A 106 15.04 -18.89 -14.63
C ASP A 106 14.85 -19.83 -13.44
N MET A 107 13.64 -19.88 -12.88
CA MET A 107 13.27 -20.78 -11.79
C MET A 107 14.02 -20.46 -10.50
N ARG A 108 14.69 -19.33 -10.45
CA ARG A 108 15.34 -18.86 -9.24
C ARG A 108 14.33 -18.30 -8.27
N LEU A 109 14.52 -18.62 -7.00
CA LEU A 109 13.66 -18.08 -5.96
C LEU A 109 13.78 -16.58 -5.87
N LEU A 110 12.63 -15.91 -5.71
CA LEU A 110 12.58 -14.45 -5.55
C LEU A 110 12.13 -14.03 -4.18
N GLY A 111 11.29 -14.83 -3.56
CA GLY A 111 10.76 -14.47 -2.27
C GLY A 111 9.84 -15.54 -1.77
N ALA A 112 9.29 -15.28 -0.58
CA ALA A 112 8.36 -16.21 0.07
C ALA A 112 7.59 -15.45 1.15
N HIS A 113 6.42 -15.98 1.53
CA HIS A 113 5.59 -15.37 2.57
C HIS A 113 5.03 -16.35 3.59
N TYR A 114 4.91 -15.87 4.84
CA TYR A 114 4.18 -16.56 5.88
C TYR A 114 3.44 -15.47 6.63
N GLN A 115 2.10 -15.52 6.60
CA GLN A 115 1.39 -14.47 7.34
C GLN A 115 0.12 -15.09 7.95
N ALA A 116 -0.24 -14.65 9.17
CA ALA A 116 -1.38 -15.22 9.88
C ALA A 116 -2.36 -14.13 10.35
N ALA A 117 -3.64 -14.55 10.47
CA ALA A 117 -4.69 -13.65 10.90
C ALA A 117 -5.57 -14.34 11.93
N TYR A 118 -6.01 -13.58 12.96
CA TYR A 118 -6.96 -14.08 13.96
C TYR A 118 -8.28 -13.32 13.80
N ASP A 119 -9.37 -14.09 13.65
CA ASP A 119 -10.72 -13.47 13.51
C ASP A 119 -10.75 -12.35 12.46
N GLY A 120 -10.08 -12.60 11.35
CA GLY A 120 -10.19 -11.74 10.16
C GLY A 120 -9.25 -10.56 10.13
N SER A 121 -8.37 -10.39 11.13
CA SER A 121 -7.45 -9.28 11.23
C SER A 121 -6.02 -9.76 11.27
N ASP A 122 -5.08 -8.95 10.71
CA ASP A 122 -3.65 -9.32 10.78
C ASP A 122 -3.27 -9.66 12.19
N TYR A 123 -2.40 -10.69 12.31
CA TYR A 123 -1.85 -11.12 13.61
C TYR A 123 -0.33 -11.08 13.56
N ILE A 124 0.32 -11.77 12.61
CA ILE A 124 1.78 -11.73 12.55
C ILE A 124 2.20 -11.98 11.12
N THR A 125 3.30 -11.36 10.72
CA THR A 125 3.77 -11.42 9.35
C THR A 125 5.29 -11.68 9.37
N LEU A 126 5.76 -12.56 8.47
CA LEU A 126 7.19 -12.72 8.23
C LEU A 126 7.65 -11.65 7.28
N ASN A 127 8.75 -10.93 7.61
CA ASN A 127 9.22 -9.86 6.77
C ASN A 127 10.00 -10.40 5.55
N GLU A 128 10.25 -9.54 4.56
CA GLU A 128 10.87 -9.99 3.30
C GLU A 128 12.28 -10.55 3.51
N ASP A 129 12.94 -10.24 4.63
CA ASP A 129 14.23 -10.84 4.98
C ASP A 129 14.11 -12.33 5.33
N LEU A 130 12.92 -12.84 5.55
CA LEU A 130 12.65 -14.25 5.88
C LEU A 130 13.29 -14.63 7.18
N SER A 131 13.61 -13.64 8.01
CA SER A 131 14.26 -13.87 9.29
C SER A 131 13.59 -13.19 10.49
N SER A 132 12.82 -12.13 10.29
CA SER A 132 12.26 -11.39 11.41
C SER A 132 10.77 -11.23 11.17
N TRP A 133 10.05 -10.83 12.21
CA TRP A 133 8.60 -10.79 12.16
C TRP A 133 8.06 -9.41 12.54
N THR A 134 6.83 -9.09 12.08
CA THR A 134 6.08 -7.89 12.46
C THR A 134 4.80 -8.28 13.20
N ALA A 135 4.62 -7.77 14.41
CA ALA A 135 3.41 -7.99 15.20
C ALA A 135 2.51 -6.76 15.14
N VAL A 136 1.27 -6.93 15.63
CA VAL A 136 0.28 -5.85 15.63
C VAL A 136 -0.12 -5.42 17.02
N ASP A 137 0.16 -6.21 18.04
CA ASP A 137 -0.35 -5.96 19.39
C ASP A 137 0.53 -6.77 20.36
N MET A 138 0.20 -6.71 21.66
CA MET A 138 1.13 -7.29 22.64
C MET A 138 0.99 -8.83 22.68
N VAL A 139 -0.15 -9.39 22.26
CA VAL A 139 -0.22 -10.86 22.19
C VAL A 139 0.67 -11.38 21.05
N SER A 140 0.54 -10.76 19.87
CA SER A 140 1.34 -11.18 18.72
C SER A 140 2.82 -10.82 18.95
N GLN A 141 3.09 -9.85 19.81
CA GLN A 141 4.48 -9.58 20.21
C GLN A 141 5.07 -10.70 21.03
N ILE A 142 4.25 -11.41 21.85
CA ILE A 142 4.74 -12.60 22.54
C ILE A 142 5.14 -13.66 21.52
N THR A 143 4.29 -13.88 20.52
CA THR A 143 4.58 -14.80 19.41
C THR A 143 5.88 -14.41 18.73
N LYS A 144 6.03 -13.14 18.41
CA LYS A 144 7.25 -12.70 17.76
C LYS A 144 8.47 -13.09 18.57
N SER A 145 8.47 -12.75 19.87
CA SER A 145 9.57 -13.06 20.79
C SER A 145 9.86 -14.56 20.85
N ARG A 146 8.80 -15.39 20.92
CA ARG A 146 9.01 -16.84 20.93
C ARG A 146 9.64 -17.31 19.63
N LEU A 147 9.17 -16.82 18.51
CA LEU A 147 9.65 -17.29 17.21
C LEU A 147 11.12 -16.86 17.01
N GLU A 148 11.46 -15.65 17.45
CA GLU A 148 12.82 -15.14 17.27
C GLU A 148 13.81 -15.76 18.25
N SER A 149 13.43 -15.93 19.53
CA SER A 149 14.26 -16.65 20.50
C SER A 149 14.52 -18.09 20.09
N ALA A 150 13.52 -18.72 19.49
CA ALA A 150 13.65 -20.06 18.97
C ALA A 150 14.32 -20.17 17.60
N GLY A 151 14.35 -19.11 16.79
CA GLY A 151 14.88 -19.25 15.44
C GLY A 151 13.95 -20.04 14.50
N THR A 152 12.63 -19.88 14.66
CA THR A 152 11.68 -20.65 13.89
C THR A 152 11.67 -20.34 12.42
N ALA A 153 12.01 -19.09 12.03
CA ALA A 153 12.06 -18.76 10.63
C ALA A 153 13.10 -19.61 9.88
N GLU A 154 14.06 -20.20 10.58
CA GLU A 154 15.01 -21.09 9.94
C GLU A 154 14.30 -22.29 9.32
N TYR A 155 13.33 -22.83 10.04
CA TYR A 155 12.61 -24.02 9.57
C TYR A 155 11.64 -23.67 8.49
N PHE A 156 11.09 -22.46 8.53
CA PHE A 156 10.29 -22.00 7.40
C PHE A 156 11.13 -21.87 6.14
N ARG A 157 12.34 -21.27 6.24
CA ARG A 157 13.22 -21.19 5.08
C ARG A 157 13.58 -22.56 4.58
N ALA A 158 13.77 -23.54 5.49
CA ALA A 158 13.98 -24.91 5.03
C ALA A 158 12.81 -25.45 4.24
N TYR A 159 11.57 -25.10 4.62
CA TYR A 159 10.40 -25.51 3.84
C TYR A 159 10.40 -24.79 2.48
N VAL A 160 10.74 -23.51 2.46
CA VAL A 160 10.70 -22.77 1.19
C VAL A 160 11.72 -23.33 0.20
N GLU A 161 12.93 -23.57 0.70
CA GLU A 161 14.03 -24.01 -0.14
C GLU A 161 14.04 -25.51 -0.38
N GLY A 162 13.10 -26.22 0.22
CA GLY A 162 12.92 -27.65 0.04
C GLY A 162 11.64 -27.94 -0.67
N GLU A 163 10.60 -28.30 0.10
CA GLU A 163 9.33 -28.76 -0.48
C GLU A 163 8.61 -27.72 -1.32
N CYS A 164 8.64 -26.44 -0.92
CA CYS A 164 7.95 -25.40 -1.73
C CYS A 164 8.56 -25.29 -3.11
N LEU A 165 9.88 -25.15 -3.20
CA LEU A 165 10.56 -25.13 -4.48
C LEU A 165 10.35 -26.44 -5.23
N GLU A 166 10.46 -27.61 -4.53
CA GLU A 166 10.30 -28.92 -5.19
C GLU A 166 8.96 -29.01 -5.93
N LEU A 167 7.87 -28.64 -5.22
CA LEU A 167 6.54 -28.79 -5.80
C LEU A 167 6.23 -27.73 -6.86
N LEU A 168 6.68 -26.49 -6.66
CA LEU A 168 6.50 -25.46 -7.65
C LEU A 168 7.19 -25.86 -8.97
N HIS A 169 8.43 -26.37 -8.88
CA HIS A 169 9.16 -26.82 -10.05
C HIS A 169 8.44 -27.97 -10.76
N ARG A 170 8.00 -28.96 -10.01
CA ARG A 170 7.38 -30.14 -10.62
C ARG A 170 5.98 -29.79 -11.19
N PHE A 171 5.23 -28.97 -10.47
CA PHE A 171 3.88 -28.60 -10.98
C PHE A 171 4.00 -27.74 -12.23
N LEU A 172 5.03 -26.86 -12.30
CA LEU A 172 5.17 -26.07 -13.52
C LEU A 172 5.55 -26.96 -14.70
N ARG A 173 6.28 -28.04 -14.47
CA ARG A 173 6.71 -28.92 -15.56
C ARG A 173 5.53 -29.78 -16.05
N ASN A 174 4.88 -30.48 -15.10
CA ASN A 174 3.80 -31.39 -15.46
C ASN A 174 2.54 -30.62 -15.90
N GLY A 175 2.28 -29.43 -15.34
CA GLY A 175 1.18 -28.58 -15.76
C GLY A 175 1.58 -27.46 -16.71
N LYS A 176 2.64 -27.66 -17.53
CA LYS A 176 3.19 -26.53 -18.25
C LYS A 176 2.14 -25.87 -19.16
N GLU A 177 1.32 -26.68 -19.85
CA GLU A 177 0.41 -26.15 -20.85
C GLU A 177 -0.67 -25.26 -20.25
N ILE A 178 -1.05 -25.53 -19.01
CA ILE A 178 -2.01 -24.72 -18.29
C ILE A 178 -1.35 -23.52 -17.66
N LEU A 179 -0.13 -23.72 -17.07
CA LEU A 179 0.37 -22.72 -16.15
C LEU A 179 1.29 -21.68 -16.78
N GLN A 180 2.03 -22.06 -17.80
CA GLN A 180 2.97 -21.17 -18.50
C GLN A 180 2.23 -20.64 -19.73
N ARG A 181 1.33 -19.71 -19.47
CA ARG A 181 0.48 -19.16 -20.52
C ARG A 181 -0.11 -17.83 -20.07
N ALA A 182 -0.54 -17.08 -21.07
CA ALA A 182 -1.34 -15.86 -20.85
C ALA A 182 -2.36 -15.84 -21.99
N ASP A 183 -3.63 -16.02 -21.65
CA ASP A 183 -4.72 -15.85 -22.62
C ASP A 183 -5.13 -14.39 -22.64
N PRO A 184 -5.11 -13.69 -23.77
CA PRO A 184 -5.50 -12.28 -23.77
C PRO A 184 -7.01 -12.10 -23.71
N PRO A 185 -7.47 -10.97 -23.16
CA PRO A 185 -8.93 -10.71 -23.14
C PRO A 185 -9.53 -10.52 -24.53
N LYS A 186 -10.73 -11.02 -24.67
CA LYS A 186 -11.58 -10.76 -25.83
C LYS A 186 -12.53 -9.65 -25.39
N ALA A 187 -12.41 -8.49 -26.05
CA ALA A 187 -13.07 -7.27 -25.58
C ALA A 187 -14.14 -6.78 -26.52
N HIS A 188 -15.16 -6.12 -25.95
CA HIS A 188 -16.19 -5.43 -26.72
C HIS A 188 -17.05 -4.50 -25.86
N VAL A 189 -17.70 -3.54 -26.54
CA VAL A 189 -18.58 -2.57 -25.92
C VAL A 189 -20.01 -2.93 -26.25
N ALA A 190 -20.86 -3.01 -25.23
CA ALA A 190 -22.29 -3.16 -25.42
C ALA A 190 -23.00 -1.85 -25.09
N HIS A 191 -24.20 -1.73 -25.62
CA HIS A 191 -24.97 -0.47 -25.67
C HIS A 191 -26.39 -0.74 -25.20
N HIS A 192 -26.83 -0.06 -24.13
CA HIS A 192 -28.18 -0.28 -23.59
C HIS A 192 -28.90 1.05 -23.36
N PRO A 193 -29.84 1.41 -24.21
CA PRO A 193 -30.66 2.61 -23.94
C PRO A 193 -31.37 2.48 -22.62
N ARG A 194 -31.54 3.63 -21.93
CA ARG A 194 -32.24 3.69 -20.66
C ARG A 194 -33.58 4.40 -20.82
N PRO A 195 -34.55 4.10 -19.95
CA PRO A 195 -35.88 4.70 -20.14
C PRO A 195 -35.85 6.22 -20.09
N LYS A 196 -34.89 6.80 -19.34
CA LYS A 196 -34.79 8.25 -19.26
C LYS A 196 -34.36 8.86 -20.59
N GLY A 197 -33.67 8.10 -21.44
CA GLY A 197 -33.18 8.57 -22.72
C GLY A 197 -31.66 8.61 -22.88
N ASP A 198 -30.89 8.47 -21.81
CA ASP A 198 -29.45 8.35 -21.91
C ASP A 198 -29.10 6.89 -22.17
N VAL A 199 -27.80 6.56 -22.13
CA VAL A 199 -27.32 5.23 -22.53
C VAL A 199 -26.31 4.69 -21.52
N THR A 200 -26.37 3.38 -21.25
CA THR A 200 -25.29 2.67 -20.59
C THR A 200 -24.36 2.06 -21.64
N LEU A 201 -23.06 2.38 -21.56
CA LEU A 201 -22.03 1.74 -22.33
C LEU A 201 -21.31 0.80 -21.38
N ARG A 202 -21.19 -0.47 -21.74
CA ARG A 202 -20.64 -1.52 -20.85
C ARG A 202 -19.52 -2.20 -21.60
N CYS A 203 -18.30 -1.90 -21.16
CA CYS A 203 -17.09 -2.49 -21.75
C CYS A 203 -16.81 -3.83 -21.09
N TRP A 204 -16.80 -4.90 -21.89
CA TRP A 204 -16.62 -6.26 -21.47
C TRP A 204 -15.23 -6.79 -21.80
N ALA A 205 -14.70 -7.61 -20.91
CA ALA A 205 -13.49 -8.37 -21.21
C ALA A 205 -13.68 -9.79 -20.71
N LEU A 206 -13.50 -10.76 -21.58
CA LEU A 206 -13.73 -12.15 -21.30
C LEU A 206 -12.57 -13.01 -21.75
N GLY A 207 -12.50 -14.19 -21.16
CA GLY A 207 -11.61 -15.24 -21.62
C GLY A 207 -10.16 -15.07 -21.28
N PHE A 208 -9.83 -14.27 -20.28
CA PHE A 208 -8.46 -13.89 -20.05
C PHE A 208 -7.88 -14.69 -18.85
N TYR A 209 -6.57 -14.92 -18.89
CA TYR A 209 -5.77 -15.59 -17.85
C TYR A 209 -4.37 -15.00 -17.88
N PRO A 210 -3.78 -14.60 -16.74
CA PRO A 210 -4.31 -14.67 -15.36
C PRO A 210 -5.32 -13.59 -15.05
N ALA A 211 -5.83 -13.54 -13.82
CA ALA A 211 -6.99 -12.69 -13.50
C ALA A 211 -6.67 -11.19 -13.51
N ASP A 212 -5.43 -10.80 -13.23
CA ASP A 212 -5.13 -9.40 -13.11
C ASP A 212 -5.43 -8.66 -14.42
N ILE A 213 -6.19 -7.57 -14.33
CA ILE A 213 -6.60 -6.81 -15.52
C ILE A 213 -6.96 -5.42 -15.06
N THR A 214 -6.92 -4.44 -15.98
CA THR A 214 -7.47 -3.11 -15.73
C THR A 214 -8.37 -2.73 -16.88
N LEU A 215 -9.51 -2.16 -16.53
CA LEU A 215 -10.47 -1.61 -17.46
C LEU A 215 -10.73 -0.17 -17.06
N THR A 216 -10.67 0.72 -18.01
CA THR A 216 -10.84 2.14 -17.76
C THR A 216 -11.68 2.75 -18.87
N TRP A 217 -12.63 3.61 -18.50
CA TRP A 217 -13.31 4.48 -19.46
C TRP A 217 -12.70 5.88 -19.42
N GLN A 218 -12.61 6.52 -20.59
CA GLN A 218 -12.10 7.89 -20.71
C GLN A 218 -12.90 8.68 -21.72
N LYS A 219 -13.16 9.95 -21.41
CA LYS A 219 -13.88 10.86 -22.31
C LYS A 219 -12.91 11.84 -22.96
N ASP A 220 -13.32 12.33 -24.12
CA ASP A 220 -12.52 13.20 -24.96
C ASP A 220 -11.41 13.94 -24.21
N GLU A 221 -11.80 14.69 -23.19
CA GLU A 221 -10.87 15.22 -22.20
C GLU A 221 -11.68 15.57 -20.96
N GLU A 222 -11.97 14.53 -20.17
CA GLU A 222 -12.65 14.59 -18.87
C GLU A 222 -12.35 13.29 -18.13
N ASP A 223 -12.28 13.35 -16.81
CA ASP A 223 -11.90 12.17 -16.01
C ASP A 223 -13.12 11.44 -15.43
N LEU A 224 -13.22 10.14 -15.66
CA LEU A 224 -14.41 9.39 -15.32
C LEU A 224 -14.24 8.44 -14.13
N THR A 225 -13.20 8.59 -13.33
CA THR A 225 -12.99 7.69 -12.17
C THR A 225 -14.26 7.55 -11.34
N GLN A 226 -14.88 8.68 -10.99
CA GLN A 226 -16.00 8.62 -10.08
C GLN A 226 -17.28 8.24 -10.80
N ASP A 227 -17.24 8.16 -12.13
CA ASP A 227 -18.46 7.91 -12.91
C ASP A 227 -18.64 6.44 -13.25
N MET A 228 -17.59 5.64 -13.28
CA MET A 228 -17.81 4.31 -13.84
C MET A 228 -18.12 3.30 -12.75
N GLU A 229 -18.95 2.33 -13.14
CA GLU A 229 -19.27 1.15 -12.33
C GLU A 229 -18.39 0.02 -12.79
N LEU A 230 -17.54 -0.46 -11.87
CA LEU A 230 -16.64 -1.57 -12.14
C LEU A 230 -17.06 -2.81 -11.32
N VAL A 231 -17.15 -3.97 -11.93
CA VAL A 231 -17.44 -5.18 -11.18
C VAL A 231 -16.12 -5.85 -10.80
N GLU A 232 -16.14 -6.50 -9.62
CA GLU A 232 -15.00 -7.34 -9.24
C GLU A 232 -14.69 -8.41 -10.30
N THR A 233 -13.41 -8.60 -10.61
CA THR A 233 -13.09 -9.61 -11.59
C THR A 233 -13.58 -10.96 -11.08
N ARG A 234 -14.13 -11.76 -11.99
CA ARG A 234 -14.84 -12.97 -11.60
C ARG A 234 -14.52 -14.17 -12.45
N PRO A 235 -14.43 -15.36 -11.84
CA PRO A 235 -14.15 -16.56 -12.65
C PRO A 235 -15.29 -16.97 -13.55
N SER A 236 -15.00 -17.32 -14.78
CA SER A 236 -15.99 -17.87 -15.62
C SER A 236 -16.25 -19.33 -15.34
N GLY A 237 -15.30 -20.02 -14.73
CA GLY A 237 -15.48 -21.38 -14.27
C GLY A 237 -14.71 -22.41 -15.05
N ASP A 238 -14.12 -22.04 -16.18
CA ASP A 238 -13.40 -22.93 -17.06
C ASP A 238 -11.89 -22.63 -17.06
N GLY A 239 -11.43 -21.84 -16.11
CA GLY A 239 -10.00 -21.46 -15.99
C GLY A 239 -9.74 -20.02 -16.34
N THR A 240 -10.66 -19.35 -17.05
CA THR A 240 -10.54 -17.95 -17.49
C THR A 240 -11.40 -17.02 -16.62
N PHE A 241 -11.15 -15.71 -16.72
CA PHE A 241 -11.81 -14.67 -15.94
C PHE A 241 -12.52 -13.70 -16.90
N GLN A 242 -13.39 -12.89 -16.37
CA GLN A 242 -14.21 -11.91 -17.10
C GLN A 242 -14.43 -10.72 -16.14
N LYS A 243 -14.69 -9.55 -16.76
CA LYS A 243 -14.89 -8.33 -15.99
C LYS A 243 -15.68 -7.37 -16.90
N TRP A 244 -16.35 -6.40 -16.33
CA TRP A 244 -16.82 -5.28 -17.12
C TRP A 244 -16.77 -3.97 -16.34
N ALA A 245 -16.83 -2.87 -17.11
CA ALA A 245 -16.91 -1.51 -16.59
C ALA A 245 -17.94 -0.76 -17.42
N ALA A 246 -18.76 0.05 -16.77
CA ALA A 246 -19.79 0.79 -17.49
C ALA A 246 -19.89 2.24 -17.04
N VAL A 247 -20.28 3.12 -17.97
CA VAL A 247 -20.66 4.51 -17.73
C VAL A 247 -22.01 4.77 -18.40
N VAL A 248 -22.75 5.71 -17.83
CA VAL A 248 -24.00 6.20 -18.41
C VAL A 248 -23.69 7.52 -19.13
N VAL A 249 -24.11 7.62 -20.38
CA VAL A 249 -23.69 8.71 -21.25
C VAL A 249 -24.90 9.28 -21.96
N PRO A 250 -24.89 10.56 -22.33
CA PRO A 250 -26.06 11.13 -23.02
C PRO A 250 -26.20 10.57 -24.43
N SER A 251 -27.45 10.49 -24.88
CA SER A 251 -27.70 9.94 -26.19
C SER A 251 -27.08 10.86 -27.24
N GLY A 252 -26.34 10.28 -28.17
CA GLY A 252 -25.67 11.02 -29.20
C GLY A 252 -24.24 11.39 -28.88
N GLU A 253 -23.71 10.97 -27.72
CA GLU A 253 -22.37 11.31 -27.32
C GLU A 253 -21.48 10.08 -27.23
N GLU A 254 -21.95 8.95 -27.76
CA GLU A 254 -21.32 7.67 -27.44
C GLU A 254 -19.90 7.58 -28.01
N GLN A 255 -19.65 8.19 -29.18
CA GLN A 255 -18.33 8.05 -29.78
C GLN A 255 -17.29 8.93 -29.09
N ARG A 256 -17.70 9.70 -28.07
CA ARG A 256 -16.75 10.47 -27.28
C ARG A 256 -16.04 9.64 -26.23
N TYR A 257 -16.51 8.41 -25.99
CA TYR A 257 -16.04 7.55 -24.90
C TYR A 257 -15.22 6.38 -25.45
N THR A 258 -14.07 6.11 -24.81
CA THR A 258 -13.20 5.02 -25.18
C THR A 258 -12.90 4.14 -23.97
N CYS A 259 -12.94 2.82 -24.16
CA CYS A 259 -12.57 1.88 -23.11
C CYS A 259 -11.20 1.29 -23.37
N TYR A 260 -10.34 1.35 -22.38
CA TYR A 260 -8.99 0.82 -22.46
C TYR A 260 -8.83 -0.40 -21.58
N VAL A 261 -8.22 -1.43 -22.15
CA VAL A 261 -8.01 -2.70 -21.48
C VAL A 261 -6.51 -2.91 -21.35
N HIS A 262 -6.04 -3.18 -20.14
CA HIS A 262 -4.63 -3.55 -19.91
C HIS A 262 -4.54 -4.96 -19.28
N HIS A 263 -3.72 -5.82 -19.88
CA HIS A 263 -3.55 -7.21 -19.44
C HIS A 263 -2.21 -7.72 -19.91
N GLU A 264 -1.56 -8.58 -19.08
CA GLU A 264 -0.26 -9.20 -19.40
C GLU A 264 -0.19 -9.82 -20.80
N GLY A 265 -1.32 -10.36 -21.28
CA GLY A 265 -1.30 -11.01 -22.58
C GLY A 265 -1.37 -10.06 -23.72
N LEU A 266 -1.40 -8.76 -23.44
CA LEU A 266 -1.40 -7.73 -24.50
C LEU A 266 -0.07 -7.00 -24.56
N THR A 267 0.30 -6.61 -25.78
CA THR A 267 1.53 -5.86 -25.95
C THR A 267 1.34 -4.36 -25.75
N GLU A 268 0.13 -3.87 -25.99
CA GLU A 268 -0.24 -2.49 -25.71
C GLU A 268 -1.71 -2.50 -25.33
N PRO A 269 -2.19 -1.46 -24.64
CA PRO A 269 -3.59 -1.43 -24.21
C PRO A 269 -4.54 -1.48 -25.41
N LEU A 270 -5.57 -2.28 -25.26
CA LEU A 270 -6.67 -2.32 -26.21
C LEU A 270 -7.52 -1.06 -26.04
N ALA A 271 -7.92 -0.45 -27.16
CA ALA A 271 -8.77 0.74 -27.15
C ALA A 271 -10.04 0.45 -27.96
N LEU A 272 -11.19 0.44 -27.26
CA LEU A 272 -12.47 0.08 -27.84
C LEU A 272 -13.49 1.21 -27.74
N LYS A 273 -14.28 1.37 -28.77
CA LYS A 273 -15.45 2.25 -28.75
C LYS A 273 -16.68 1.45 -29.13
N TRP A 274 -17.84 2.02 -28.88
CA TRP A 274 -19.08 1.38 -29.27
C TRP A 274 -19.19 1.21 -30.78
N ARG A 275 -19.64 0.02 -31.22
CA ARG A 275 -20.05 -0.21 -32.60
C ARG A 275 -18.82 -0.25 -33.49
N ILE B 1 -14.17 -10.19 12.95
CA ILE B 1 -14.71 -9.00 12.22
C ILE B 1 -15.74 -9.51 11.25
N GLN B 2 -16.96 -8.97 11.27
CA GLN B 2 -18.04 -9.45 10.38
C GLN B 2 -18.03 -8.68 9.06
N LYS B 3 -17.97 -9.39 7.92
CA LYS B 3 -18.08 -8.76 6.61
C LYS B 3 -19.25 -9.34 5.82
N THR B 4 -20.10 -8.41 5.15
CA THR B 4 -21.30 -8.82 4.37
C THR B 4 -20.91 -9.31 2.96
N PRO B 5 -21.50 -10.37 2.46
CA PRO B 5 -21.13 -10.83 1.12
C PRO B 5 -21.60 -9.84 0.04
N GLN B 6 -20.82 -9.81 -1.04
CA GLN B 6 -21.13 -9.20 -2.33
C GLN B 6 -21.39 -10.34 -3.28
N ILE B 7 -22.46 -10.21 -4.11
CA ILE B 7 -22.97 -11.28 -4.94
C ILE B 7 -23.03 -10.84 -6.39
N GLN B 8 -22.58 -11.75 -7.33
CA GLN B 8 -22.66 -11.47 -8.78
C GLN B 8 -23.24 -12.74 -9.42
N VAL B 9 -24.24 -12.55 -10.32
CA VAL B 9 -24.81 -13.65 -11.06
C VAL B 9 -24.60 -13.41 -12.54
N TYR B 10 -24.02 -14.40 -13.24
CA TYR B 10 -23.66 -14.14 -14.61
C TYR B 10 -23.39 -15.47 -15.31
N SER B 11 -23.34 -15.42 -16.62
CA SER B 11 -23.10 -16.62 -17.47
C SER B 11 -21.63 -16.81 -17.86
N ARG B 12 -21.20 -18.09 -17.90
CA ARG B 12 -19.82 -18.34 -18.28
C ARG B 12 -19.48 -17.72 -19.65
N HIS B 13 -20.35 -17.95 -20.62
CA HIS B 13 -20.23 -17.44 -21.98
C HIS B 13 -21.33 -16.43 -22.24
N PRO B 14 -21.12 -15.52 -23.19
CA PRO B 14 -22.18 -14.58 -23.52
C PRO B 14 -23.43 -15.34 -23.93
N PRO B 15 -24.58 -14.90 -23.46
CA PRO B 15 -25.77 -15.70 -23.61
C PRO B 15 -26.40 -15.54 -24.99
N GLU B 16 -26.91 -16.66 -25.50
CA GLU B 16 -27.71 -16.66 -26.71
C GLU B 16 -28.85 -17.65 -26.51
N ASN B 17 -30.09 -17.17 -26.71
CA ASN B 17 -31.25 -17.95 -26.32
C ASN B 17 -31.24 -19.31 -27.01
N GLY B 18 -31.51 -20.34 -26.23
CA GLY B 18 -31.58 -21.67 -26.73
C GLY B 18 -30.27 -22.40 -26.75
N LYS B 19 -29.15 -21.76 -26.32
CA LYS B 19 -27.85 -22.42 -26.36
C LYS B 19 -27.38 -22.81 -24.96
N PRO B 20 -27.01 -24.07 -24.72
CA PRO B 20 -26.52 -24.43 -23.38
C PRO B 20 -25.33 -23.59 -22.91
N ASN B 21 -25.32 -23.29 -21.63
CA ASN B 21 -24.34 -22.39 -20.98
C ASN B 21 -24.22 -22.80 -19.50
N ILE B 22 -23.48 -22.01 -18.73
CA ILE B 22 -23.28 -22.29 -17.31
C ILE B 22 -23.63 -21.02 -16.54
N LEU B 23 -24.49 -21.14 -15.52
CA LEU B 23 -24.83 -19.99 -14.71
C LEU B 23 -23.98 -20.02 -13.46
N ASN B 24 -23.30 -18.91 -13.18
CA ASN B 24 -22.42 -18.67 -12.03
C ASN B 24 -23.02 -17.69 -11.03
N CYS B 25 -22.88 -18.01 -9.74
CA CYS B 25 -23.15 -17.13 -8.62
C CYS B 25 -21.83 -17.05 -7.83
N TYR B 26 -21.19 -15.91 -7.88
CA TYR B 26 -19.87 -15.65 -7.29
C TYR B 26 -20.08 -14.78 -6.06
N VAL B 27 -19.70 -15.30 -4.88
CA VAL B 27 -20.01 -14.63 -3.62
C VAL B 27 -18.67 -14.31 -2.94
N THR B 28 -18.40 -13.02 -2.74
CA THR B 28 -17.08 -12.60 -2.22
C THR B 28 -17.20 -11.72 -0.96
N GLN B 29 -16.04 -11.41 -0.34
CA GLN B 29 -15.87 -10.35 0.66
C GLN B 29 -16.64 -10.62 1.94
N PHE B 30 -16.83 -11.92 2.33
CA PHE B 30 -17.59 -12.25 3.52
C PHE B 30 -16.72 -12.91 4.59
N HIS B 31 -17.03 -12.66 5.87
CA HIS B 31 -16.39 -13.27 7.01
C HIS B 31 -17.36 -13.24 8.15
N PRO B 32 -17.55 -14.36 8.90
CA PRO B 32 -16.83 -15.65 8.89
C PRO B 32 -17.22 -16.54 7.71
N PRO B 33 -16.62 -17.73 7.62
CA PRO B 33 -16.73 -18.52 6.40
C PRO B 33 -18.08 -19.26 6.17
N HIS B 34 -18.96 -19.39 7.15
CA HIS B 34 -20.23 -20.11 6.95
C HIS B 34 -21.13 -19.34 6.01
N ILE B 35 -21.64 -20.03 4.96
CA ILE B 35 -22.55 -19.37 4.03
C ILE B 35 -23.55 -20.37 3.48
N GLU B 36 -24.74 -19.88 3.11
CA GLU B 36 -25.80 -20.74 2.52
C GLU B 36 -26.15 -20.16 1.15
N ILE B 37 -26.02 -20.95 0.09
CA ILE B 37 -26.27 -20.51 -1.30
C ILE B 37 -27.20 -21.47 -2.01
N GLN B 38 -28.25 -20.93 -2.63
CA GLN B 38 -29.21 -21.71 -3.42
C GLN B 38 -29.40 -21.02 -4.76
N MET B 39 -29.64 -21.82 -5.83
CA MET B 39 -30.03 -21.23 -7.12
C MET B 39 -31.45 -21.70 -7.49
N LEU B 40 -32.23 -20.80 -8.13
CA LEU B 40 -33.66 -21.07 -8.44
C LEU B 40 -33.91 -20.77 -9.91
N LYS B 41 -34.73 -21.62 -10.56
CA LYS B 41 -35.24 -21.39 -11.89
C LYS B 41 -36.77 -21.27 -11.83
N ASN B 42 -37.29 -20.14 -12.28
CA ASN B 42 -38.77 -20.01 -12.36
C ASN B 42 -39.42 -20.40 -11.04
N GLY B 43 -38.75 -20.04 -9.95
CA GLY B 43 -39.24 -20.21 -8.60
C GLY B 43 -39.04 -21.56 -7.97
N LYS B 44 -38.34 -22.48 -8.65
CA LYS B 44 -38.06 -23.81 -8.10
C LYS B 44 -36.56 -23.96 -7.82
N LYS B 45 -36.24 -24.52 -6.64
CA LYS B 45 -34.84 -24.75 -6.31
C LYS B 45 -34.21 -25.72 -7.31
N ILE B 46 -33.02 -25.36 -7.82
CA ILE B 46 -32.27 -26.25 -8.69
C ILE B 46 -31.53 -27.23 -7.78
N PRO B 47 -31.74 -28.53 -7.96
CA PRO B 47 -31.09 -29.52 -7.10
C PRO B 47 -29.61 -29.69 -7.38
N LYS B 48 -29.19 -29.63 -8.66
CA LYS B 48 -27.80 -29.91 -9.02
C LYS B 48 -27.05 -28.59 -9.18
N VAL B 49 -26.67 -28.01 -8.04
CA VAL B 49 -25.80 -26.85 -7.97
C VAL B 49 -24.45 -27.28 -7.42
N GLU B 50 -23.43 -27.03 -8.20
CA GLU B 50 -22.05 -27.41 -7.82
C GLU B 50 -21.43 -26.23 -7.07
N MET B 51 -20.55 -26.54 -6.08
CA MET B 51 -19.91 -25.50 -5.28
C MET B 51 -18.40 -25.70 -5.40
N SER B 52 -17.72 -24.66 -5.82
CA SER B 52 -16.28 -24.67 -5.72
C SER B 52 -15.85 -24.76 -4.24
N ASP B 53 -14.55 -25.03 -4.02
CA ASP B 53 -13.99 -24.96 -2.68
C ASP B 53 -13.94 -23.51 -2.26
N MET B 54 -14.18 -23.25 -0.98
CA MET B 54 -14.04 -21.90 -0.48
C MET B 54 -12.54 -21.53 -0.35
N SER B 55 -12.22 -20.24 -0.64
CA SER B 55 -10.84 -19.73 -0.53
C SER B 55 -10.91 -18.36 0.05
N PHE B 56 -9.77 -17.73 0.22
CA PHE B 56 -9.85 -16.33 0.67
C PHE B 56 -8.77 -15.42 0.08
N SER B 57 -9.01 -14.10 0.19
CA SER B 57 -8.19 -13.06 -0.47
C SER B 57 -7.24 -12.43 0.53
N LYS B 58 -6.47 -11.43 -0.01
CA LYS B 58 -5.36 -10.87 0.77
C LYS B 58 -5.88 -10.14 2.01
N ASP B 59 -7.13 -9.62 1.96
CA ASP B 59 -7.74 -8.97 3.12
C ASP B 59 -8.41 -9.98 4.05
N TRP B 60 -8.23 -11.26 3.82
CA TRP B 60 -8.68 -12.39 4.67
C TRP B 60 -10.16 -12.70 4.44
N SER B 61 -10.86 -11.98 3.57
CA SER B 61 -12.24 -12.29 3.34
C SER B 61 -12.37 -13.49 2.42
N PHE B 62 -13.48 -14.22 2.59
CA PHE B 62 -13.67 -15.50 1.86
C PHE B 62 -14.40 -15.30 0.54
N TYR B 63 -14.18 -16.23 -0.43
CA TYR B 63 -14.94 -16.19 -1.68
C TYR B 63 -15.28 -17.65 -2.11
N ILE B 64 -16.37 -17.78 -2.90
CA ILE B 64 -16.83 -19.13 -3.32
C ILE B 64 -17.64 -18.94 -4.60
N LEU B 65 -17.58 -19.94 -5.51
CA LEU B 65 -18.39 -19.97 -6.71
C LEU B 65 -19.40 -21.14 -6.72
N ALA B 66 -20.69 -20.82 -6.91
CA ALA B 66 -21.76 -21.79 -7.13
C ALA B 66 -22.09 -21.80 -8.62
N HIS B 67 -22.39 -22.97 -9.16
CA HIS B 67 -22.66 -22.97 -10.61
C HIS B 67 -23.55 -24.13 -11.00
N THR B 68 -24.24 -23.95 -12.12
CA THR B 68 -25.19 -24.93 -12.63
C THR B 68 -25.29 -24.80 -14.16
N GLU B 69 -25.61 -25.93 -14.84
CA GLU B 69 -25.91 -25.88 -16.28
C GLU B 69 -27.22 -25.14 -16.51
N PHE B 70 -27.31 -24.31 -17.57
CA PHE B 70 -28.56 -23.65 -17.90
C PHE B 70 -28.61 -23.27 -19.36
N THR B 71 -29.87 -23.10 -19.85
CA THR B 71 -30.06 -22.69 -21.24
C THR B 71 -30.91 -21.43 -21.20
N PRO B 72 -30.31 -20.26 -21.40
CA PRO B 72 -31.12 -19.03 -21.35
C PRO B 72 -32.21 -19.08 -22.44
N THR B 73 -33.32 -18.42 -22.13
CA THR B 73 -34.42 -18.24 -23.09
C THR B 73 -34.97 -16.83 -22.90
N GLU B 74 -35.96 -16.47 -23.73
CA GLU B 74 -36.63 -15.18 -23.59
C GLU B 74 -37.60 -15.15 -22.40
N THR B 75 -37.89 -16.28 -21.78
CA THR B 75 -38.96 -16.36 -20.78
C THR B 75 -38.54 -16.95 -19.44
N ASP B 76 -37.34 -17.54 -19.29
CA ASP B 76 -37.00 -18.13 -18.01
C ASP B 76 -36.30 -17.11 -17.13
N THR B 77 -36.54 -17.19 -15.79
CA THR B 77 -35.88 -16.35 -14.79
CA THR B 77 -35.81 -16.35 -14.85
C THR B 77 -35.00 -17.22 -13.89
N TYR B 78 -33.79 -16.72 -13.54
CA TYR B 78 -32.87 -17.43 -12.65
C TYR B 78 -32.44 -16.55 -11.50
N ALA B 79 -32.32 -17.13 -10.31
CA ALA B 79 -31.84 -16.35 -9.19
C ALA B 79 -30.83 -17.14 -8.36
N CYS B 80 -29.99 -16.39 -7.63
CA CYS B 80 -29.17 -16.93 -6.60
C CYS B 80 -29.58 -16.27 -5.29
N ARG B 81 -29.79 -17.10 -4.26
CA ARG B 81 -30.23 -16.62 -2.91
C ARG B 81 -29.13 -16.94 -1.91
N VAL B 82 -28.69 -15.93 -1.11
CA VAL B 82 -27.50 -16.05 -0.27
C VAL B 82 -27.86 -15.64 1.14
N LYS B 83 -27.42 -16.42 2.15
CA LYS B 83 -27.63 -16.11 3.54
C LYS B 83 -26.28 -16.25 4.30
N HIS B 84 -25.90 -15.23 5.06
CA HIS B 84 -24.68 -15.20 5.84
C HIS B 84 -25.05 -14.63 7.20
N ASP B 85 -24.24 -14.92 8.25
CA ASP B 85 -24.67 -14.45 9.58
C ASP B 85 -24.63 -12.94 9.72
N SER B 86 -23.96 -12.23 8.82
CA SER B 86 -23.97 -10.76 8.80
C SER B 86 -25.29 -10.16 8.37
N MET B 87 -26.22 -10.96 7.88
CA MET B 87 -27.44 -10.53 7.20
C MET B 87 -28.64 -10.99 8.03
N ALA B 88 -29.58 -10.07 8.25
CA ALA B 88 -30.79 -10.46 8.97
C ALA B 88 -31.64 -11.42 8.17
N GLU B 89 -31.67 -11.28 6.85
CA GLU B 89 -32.49 -12.07 5.95
C GLU B 89 -31.68 -12.41 4.69
N PRO B 90 -32.07 -13.46 3.98
CA PRO B 90 -31.39 -13.80 2.73
C PRO B 90 -31.54 -12.70 1.70
N LYS B 91 -30.60 -12.68 0.78
CA LYS B 91 -30.65 -11.80 -0.35
C LYS B 91 -30.73 -12.57 -1.64
N THR B 92 -31.65 -12.18 -2.49
CA THR B 92 -31.80 -12.78 -3.82
C THR B 92 -31.34 -11.82 -4.90
N VAL B 93 -30.49 -12.36 -5.78
CA VAL B 93 -30.03 -11.65 -6.99
C VAL B 93 -30.46 -12.41 -8.23
N TYR B 94 -31.15 -11.72 -9.15
CA TYR B 94 -31.60 -12.35 -10.39
C TYR B 94 -30.56 -12.15 -11.50
N TRP B 95 -30.44 -13.18 -12.35
CA TRP B 95 -29.62 -13.01 -13.53
C TRP B 95 -30.23 -11.96 -14.45
N ASP B 96 -29.34 -11.10 -15.03
CA ASP B 96 -29.66 -10.12 -16.04
C ASP B 96 -28.74 -10.44 -17.23
N ARG B 97 -29.31 -10.69 -18.40
CA ARG B 97 -28.47 -11.09 -19.53
C ARG B 97 -27.53 -9.98 -19.99
N ASP B 98 -27.79 -8.73 -19.56
CA ASP B 98 -26.99 -7.60 -19.94
C ASP B 98 -25.79 -7.37 -19.01
N MET B 99 -25.70 -8.07 -17.90
CA MET B 99 -24.58 -7.77 -16.99
C MET B 99 -23.93 -9.07 -16.47
N FME C 1 2.35 -26.46 2.73
CN FME C 1 2.15 -25.13 2.77
O1 FME C 1 1.57 -24.52 3.72
CA FME C 1 1.83 -27.29 3.84
CB FME C 1 1.52 -28.76 3.39
CG FME C 1 0.39 -28.82 2.43
SD FME C 1 -1.25 -28.18 2.90
CE FME C 1 -1.76 -29.33 4.12
C FME C 1 2.76 -27.29 5.04
O FME C 1 3.59 -28.19 5.38
H FME C 1 2.82 -26.90 1.98
HCN FME C 1 2.55 -24.61 1.87
HA FME C 1 0.87 -26.87 4.27
HB2 FME C 1 1.30 -29.37 4.29
HB3 FME C 1 2.46 -29.17 2.91
HG2 FME C 1 0.23 -29.89 2.16
HG3 FME C 1 0.69 -28.28 1.50
HE1 FME C 1 -2.69 -28.91 4.56
HE2 FME C 1 -0.92 -29.39 4.85
HE3 FME C 1 -1.93 -30.29 3.58
N PHE C 2 2.53 -26.22 5.81
CA PHE C 2 3.44 -25.78 6.91
C PHE C 2 2.68 -24.91 7.88
N PHE C 3 2.87 -25.13 9.16
CA PHE C 3 2.21 -24.31 10.19
C PHE C 3 3.19 -24.00 11.29
N ILE C 4 3.14 -22.78 11.81
CA ILE C 4 3.90 -22.33 12.96
C ILE C 4 2.94 -22.12 14.13
N ASN C 5 3.13 -22.87 15.21
CA ASN C 5 2.42 -22.65 16.46
C ASN C 5 2.77 -21.28 17.07
N THR C 6 1.78 -20.37 17.15
CA THR C 6 2.05 -18.98 17.53
C THR C 6 2.16 -18.78 19.02
N LEU C 7 1.71 -19.72 19.84
CA LEU C 7 1.89 -19.51 21.26
C LEU C 7 2.27 -20.84 21.90
N GLY D 1 -6.57 8.26 10.80
CA GLY D 1 -6.90 7.69 9.47
C GLY D 1 -7.32 8.82 8.53
N SER D 2 -6.88 10.03 8.86
CA SER D 2 -7.15 11.12 7.95
C SER D 2 -6.24 10.99 6.75
N HIS D 3 -6.52 11.80 5.71
CA HIS D 3 -5.67 11.85 4.53
C HIS D 3 -5.53 13.27 4.06
N SER D 4 -4.35 13.62 3.47
CA SER D 4 -4.08 14.99 3.03
C SER D 4 -3.41 15.01 1.67
N LEU D 5 -3.77 16.00 0.85
CA LEU D 5 -3.04 16.38 -0.36
C LEU D 5 -2.22 17.64 -0.02
N ARG D 6 -0.95 17.56 -0.18
CA ARG D 6 -0.04 18.65 0.25
C ARG D 6 0.93 18.96 -0.89
N TYR D 7 1.17 20.26 -1.14
CA TYR D 7 2.13 20.74 -2.13
C TYR D 7 3.15 21.63 -1.41
N PHE D 8 4.40 21.45 -1.71
CA PHE D 8 5.54 22.22 -1.17
C PHE D 8 6.24 22.97 -2.27
N HIS D 9 6.10 24.31 -2.28
CA HIS D 9 6.48 25.22 -3.35
C HIS D 9 7.69 26.07 -2.93
N THR D 10 8.65 26.18 -3.83
CA THR D 10 9.87 26.99 -3.62
C THR D 10 10.15 27.86 -4.82
N ALA D 11 10.39 29.15 -4.56
CA ALA D 11 10.87 30.07 -5.57
C ALA D 11 12.21 30.65 -5.15
N VAL D 12 13.10 30.71 -6.13
CA VAL D 12 14.52 31.08 -5.94
C VAL D 12 14.81 32.29 -6.84
N SER D 13 15.30 33.36 -6.25
CA SER D 13 15.51 34.56 -7.07
C SER D 13 16.75 34.53 -7.92
N ARG D 14 17.75 33.74 -7.57
CA ARG D 14 19.02 33.77 -8.32
C ARG D 14 19.51 32.33 -8.47
N PRO D 15 18.81 31.51 -9.24
CA PRO D 15 19.21 30.11 -9.37
C PRO D 15 20.39 30.05 -10.31
N GLY D 16 21.13 28.94 -10.22
CA GLY D 16 22.21 28.74 -11.15
C GLY D 16 21.68 28.45 -12.54
N ARG D 17 22.53 28.68 -13.54
CA ARG D 17 22.11 28.34 -14.90
C ARG D 17 21.77 26.85 -14.91
N GLY D 18 20.67 26.52 -15.58
CA GLY D 18 20.18 25.16 -15.64
C GLY D 18 19.42 24.68 -14.43
N GLU D 19 19.30 25.47 -13.38
CA GLU D 19 18.51 25.08 -12.22
C GLU D 19 17.20 25.88 -12.14
N PRO D 20 16.22 25.38 -11.45
CA PRO D 20 14.88 25.98 -11.52
C PRO D 20 14.70 27.24 -10.67
N GLN D 21 13.99 28.22 -11.29
CA GLN D 21 13.51 29.39 -10.57
C GLN D 21 12.33 29.05 -9.66
N TYR D 22 11.58 27.97 -10.01
CA TYR D 22 10.41 27.48 -9.27
C TYR D 22 10.37 25.97 -9.26
N ILE D 23 10.12 25.39 -8.10
CA ILE D 23 10.00 23.93 -7.94
C ILE D 23 8.85 23.66 -6.97
N SER D 24 7.96 22.71 -7.32
CA SER D 24 6.98 22.25 -6.35
C SER D 24 6.85 20.72 -6.36
N VAL D 25 6.75 20.13 -5.18
CA VAL D 25 6.58 18.69 -5.06
C VAL D 25 5.25 18.45 -4.36
N GLY D 26 4.46 17.49 -4.87
CA GLY D 26 3.17 17.16 -4.31
C GLY D 26 3.12 15.77 -3.73
N TYR D 27 2.50 15.67 -2.59
CA TYR D 27 2.28 14.43 -1.82
C TYR D 27 0.82 14.12 -1.51
N VAL D 28 0.44 12.82 -1.45
CA VAL D 28 -0.73 12.40 -0.69
C VAL D 28 -0.11 11.71 0.55
N ASP D 29 -0.44 12.21 1.75
CA ASP D 29 0.16 11.69 2.98
C ASP D 29 1.69 11.66 2.86
N ASP D 30 2.35 10.50 3.03
CA ASP D 30 3.80 10.41 2.98
C ASP D 30 4.33 9.89 1.66
N VAL D 31 3.55 9.93 0.57
CA VAL D 31 4.01 9.45 -0.72
C VAL D 31 3.98 10.59 -1.73
N GLN D 32 5.17 10.87 -2.30
CA GLN D 32 5.21 11.88 -3.39
C GLN D 32 4.60 11.36 -4.68
N PHE D 33 3.80 12.25 -5.38
CA PHE D 33 3.22 11.87 -6.67
C PHE D 33 3.68 12.70 -7.84
N GLN D 34 4.34 13.85 -7.64
CA GLN D 34 4.85 14.57 -8.79
C GLN D 34 5.92 15.56 -8.37
N ARG D 35 6.74 15.96 -9.35
CA ARG D 35 7.63 17.12 -9.25
C ARG D 35 7.40 18.04 -10.49
N CYS D 36 7.18 19.30 -10.27
CA CYS D 36 7.04 20.35 -11.30
C CYS D 36 8.16 21.38 -11.11
N ASP D 37 8.65 21.91 -12.20
CA ASP D 37 9.59 23.03 -12.09
C ASP D 37 9.52 23.89 -13.34
N SER D 38 10.20 25.06 -13.22
CA SER D 38 10.36 26.05 -14.28
C SER D 38 11.83 26.48 -14.33
N ILE D 39 12.49 26.25 -15.48
CA ILE D 39 13.89 26.63 -15.71
C ILE D 39 13.91 27.55 -16.93
N GLU D 40 14.38 28.78 -16.74
CA GLU D 40 14.36 29.82 -17.78
C GLU D 40 13.01 29.86 -18.52
N GLU D 41 11.92 29.77 -17.76
CA GLU D 41 10.52 29.97 -18.20
C GLU D 41 9.92 28.72 -18.84
N ILE D 42 10.65 27.60 -18.85
CA ILE D 42 10.25 26.36 -19.48
C ILE D 42 9.70 25.46 -18.38
N PRO D 43 8.40 25.13 -18.39
CA PRO D 43 7.87 24.17 -17.40
C PRO D 43 8.16 22.73 -17.76
N ARG D 44 8.42 21.96 -16.70
CA ARG D 44 8.58 20.50 -16.78
C ARG D 44 7.82 19.85 -15.63
N MET D 45 7.22 18.69 -15.91
CA MET D 45 6.44 17.95 -14.94
C MET D 45 6.84 16.50 -14.99
N GLU D 46 7.01 15.88 -13.82
CA GLU D 46 7.35 14.45 -13.79
C GLU D 46 6.54 13.70 -12.76
N PRO D 47 5.90 12.58 -13.13
CA PRO D 47 5.23 11.73 -12.16
C PRO D 47 6.24 11.06 -11.24
N ARG D 48 5.78 10.68 -10.05
CA ARG D 48 6.60 10.02 -9.03
C ARG D 48 5.90 8.85 -8.34
N ALA D 49 4.61 8.66 -8.56
CA ALA D 49 3.87 7.54 -7.99
C ALA D 49 3.08 6.82 -9.07
N PRO D 50 2.84 5.51 -8.92
CA PRO D 50 2.25 4.75 -10.03
C PRO D 50 0.85 5.19 -10.43
N TRP D 51 0.04 5.70 -9.49
CA TRP D 51 -1.35 5.97 -9.85
C TRP D 51 -1.43 7.16 -10.79
N MET D 52 -0.32 7.86 -11.01
CA MET D 52 -0.35 8.99 -11.93
C MET D 52 -0.37 8.52 -13.36
N GLU D 53 0.02 7.29 -13.63
CA GLU D 53 -0.14 6.77 -14.99
C GLU D 53 -1.59 6.80 -15.45
N LYS D 54 -2.54 6.91 -14.53
CA LYS D 54 -3.96 6.85 -14.82
C LYS D 54 -4.57 8.22 -15.08
N GLU D 55 -3.81 9.29 -14.84
CA GLU D 55 -4.27 10.61 -15.19
C GLU D 55 -4.34 10.73 -16.71
N ARG D 56 -5.40 11.36 -17.20
CA ARG D 56 -5.59 11.61 -18.61
C ARG D 56 -4.65 12.74 -19.08
N PRO D 57 -4.44 12.85 -20.40
CA PRO D 57 -3.47 13.85 -20.89
C PRO D 57 -3.82 15.28 -20.51
N GLU D 58 -5.09 15.63 -20.42
CA GLU D 58 -5.44 17.00 -20.09
C GLU D 58 -4.96 17.39 -18.69
N TYR D 59 -4.91 16.44 -17.77
CA TYR D 59 -4.40 16.73 -16.43
C TYR D 59 -3.06 17.41 -16.52
N TRP D 60 -2.18 16.84 -17.33
CA TRP D 60 -0.84 17.39 -17.45
C TRP D 60 -0.82 18.67 -18.28
N LYS D 61 -1.66 18.78 -19.30
CA LYS D 61 -1.77 20.02 -20.09
C LYS D 61 -2.19 21.21 -19.24
N GLU D 62 -3.16 21.01 -18.32
CA GLU D 62 -3.61 22.09 -17.46
C GLU D 62 -2.59 22.41 -16.41
N LEU D 63 -1.95 21.38 -15.86
CA LEU D 63 -0.95 21.60 -14.86
C LEU D 63 0.23 22.44 -15.42
N LYS D 64 0.61 22.19 -16.67
CA LYS D 64 1.68 22.96 -17.32
C LYS D 64 1.36 24.44 -17.37
N LEU D 65 0.13 24.78 -17.72
CA LEU D 65 -0.27 26.18 -17.71
C LEU D 65 -0.22 26.76 -16.31
N LYS D 66 -0.59 25.98 -15.28
CA LYS D 66 -0.56 26.47 -13.90
C LYS D 66 0.89 26.71 -13.46
N VAL D 67 1.80 25.80 -13.84
CA VAL D 67 3.20 25.98 -13.51
C VAL D 67 3.74 27.27 -14.11
N LYS D 68 3.48 27.49 -15.40
CA LYS D 68 3.88 28.74 -16.05
C LYS D 68 3.36 29.97 -15.30
N ASN D 69 2.07 29.99 -14.94
CA ASN D 69 1.48 31.17 -14.30
C ASN D 69 2.01 31.36 -12.88
N ILE D 70 2.17 30.27 -12.13
CA ILE D 70 2.62 30.38 -10.78
C ILE D 70 4.08 30.84 -10.75
N ALA D 71 4.94 30.30 -11.63
CA ALA D 71 6.34 30.72 -11.67
C ALA D 71 6.47 32.21 -11.98
N GLN D 72 5.68 32.74 -12.93
CA GLN D 72 5.67 34.18 -13.22
C GLN D 72 5.28 34.99 -11.99
N SER D 73 4.21 34.57 -11.29
CA SER D 73 3.71 35.38 -10.17
C SER D 73 4.69 35.35 -9.00
N ALA D 74 5.22 34.17 -8.71
CA ALA D 74 6.17 34.03 -7.62
C ALA D 74 7.46 34.83 -7.86
N ARG D 75 7.96 34.89 -9.11
CA ARG D 75 9.14 35.73 -9.38
C ARG D 75 8.87 37.19 -9.09
N ALA D 76 7.68 37.68 -9.44
CA ALA D 76 7.33 39.06 -9.14
C ALA D 76 7.20 39.28 -7.64
N ASN D 77 6.64 38.32 -6.93
CA ASN D 77 6.46 38.50 -5.49
C ASN D 77 7.81 38.58 -4.78
N LEU D 78 8.76 37.75 -5.20
CA LEU D 78 10.13 37.82 -4.69
C LEU D 78 10.73 39.19 -4.76
N ARG D 79 10.63 39.81 -5.93
CA ARG D 79 11.18 41.14 -6.14
C ARG D 79 10.47 42.19 -5.27
N THR D 80 9.14 42.04 -5.08
CA THR D 80 8.41 42.98 -4.26
C THR D 80 8.81 42.83 -2.79
N LEU D 81 8.97 41.60 -2.31
CA LEU D 81 9.43 41.38 -0.94
C LEU D 81 10.80 42.02 -0.72
N LEU D 82 11.72 41.85 -1.69
CA LEU D 82 12.99 42.57 -1.65
C LEU D 82 12.82 44.09 -1.49
N ARG D 83 11.89 44.72 -2.21
CA ARG D 83 11.71 46.16 -2.06
C ARG D 83 11.12 46.52 -0.70
N TYR D 84 10.19 45.70 -0.19
CA TYR D 84 9.53 46.07 1.06
C TYR D 84 10.45 45.94 2.25
N TYR D 85 11.39 45.01 2.19
CA TYR D 85 12.37 44.87 3.26
C TYR D 85 13.59 45.75 3.04
N ASN D 86 13.61 46.53 1.96
CA ASN D 86 14.72 47.44 1.64
C ASN D 86 16.04 46.68 1.53
N GLN D 87 16.00 45.50 0.91
CA GLN D 87 17.18 44.69 0.71
C GLN D 87 17.82 44.97 -0.64
N SER D 88 19.12 44.64 -0.74
CA SER D 88 19.92 44.95 -1.89
C SER D 88 19.61 44.05 -3.07
N GLU D 89 19.93 44.57 -4.25
CA GLU D 89 19.67 43.91 -5.52
C GLU D 89 20.47 42.61 -5.69
N GLY D 90 21.67 42.54 -5.13
CA GLY D 90 22.59 41.47 -5.48
C GLY D 90 22.49 40.17 -4.71
N GLY D 91 21.46 39.97 -3.94
CA GLY D 91 21.33 38.80 -3.11
C GLY D 91 20.46 37.68 -3.65
N SER D 92 20.69 36.49 -3.11
CA SER D 92 19.89 35.30 -3.40
C SER D 92 18.85 35.09 -2.28
N HIS D 93 17.55 35.10 -2.63
CA HIS D 93 16.45 34.94 -1.68
C HIS D 93 15.51 33.82 -2.14
N ILE D 94 14.67 33.43 -1.19
CA ILE D 94 13.81 32.23 -1.29
C ILE D 94 12.43 32.56 -0.78
N LEU D 95 11.43 32.18 -1.59
CA LEU D 95 10.01 32.26 -1.22
C LEU D 95 9.46 30.85 -1.22
N GLN D 96 8.90 30.44 -0.09
CA GLN D 96 8.22 29.13 -0.01
C GLN D 96 6.76 29.29 0.40
N TRP D 97 5.94 28.36 -0.06
CA TRP D 97 4.57 28.29 0.51
C TRP D 97 4.10 26.82 0.46
N MET D 98 3.20 26.52 1.39
CA MET D 98 2.60 25.18 1.53
CA MET D 98 2.61 25.18 1.52
C MET D 98 1.09 25.30 1.33
N VAL D 99 0.54 24.45 0.48
CA VAL D 99 -0.90 24.34 0.19
C VAL D 99 -1.39 22.90 0.53
N SER D 100 -2.49 22.76 1.31
CA SER D 100 -3.00 21.42 1.60
C SER D 100 -4.50 21.46 1.83
N CYS D 101 -5.10 20.28 1.69
CA CYS D 101 -6.45 20.03 2.17
C CYS D 101 -6.44 18.66 2.83
N GLU D 102 -7.39 18.47 3.77
CA GLU D 102 -7.43 17.26 4.56
C GLU D 102 -8.87 16.77 4.72
N VAL D 103 -9.06 15.45 4.64
CA VAL D 103 -10.34 14.78 4.94
C VAL D 103 -10.15 13.88 6.14
N GLY D 104 -11.21 13.74 6.90
CA GLY D 104 -11.17 12.87 8.07
C GLY D 104 -11.34 11.41 7.72
N PRO D 105 -11.43 10.55 8.75
CA PRO D 105 -11.76 9.14 8.53
C PRO D 105 -13.12 8.92 7.89
N ASP D 106 -14.02 9.92 7.96
CA ASP D 106 -15.31 9.81 7.30
C ASP D 106 -15.27 10.31 5.87
N MET D 107 -14.08 10.71 5.39
CA MET D 107 -13.83 11.21 4.03
C MET D 107 -14.52 12.56 3.78
N ARG D 108 -14.96 13.24 4.82
CA ARG D 108 -15.46 14.59 4.67
C ARG D 108 -14.33 15.61 4.88
N LEU D 109 -14.46 16.79 4.24
CA LEU D 109 -13.48 17.85 4.40
C LEU D 109 -13.31 18.21 5.88
N LEU D 110 -12.07 18.20 6.33
CA LEU D 110 -11.71 18.44 7.74
C LEU D 110 -10.98 19.74 7.94
N GLY D 111 -10.10 20.10 7.02
CA GLY D 111 -9.34 21.34 7.16
C GLY D 111 -8.53 21.59 5.90
N ALA D 112 -7.85 22.74 5.89
CA ALA D 112 -6.96 23.10 4.78
C ALA D 112 -5.94 24.10 5.30
N HIS D 113 -4.84 24.28 4.53
CA HIS D 113 -3.78 25.20 4.91
C HIS D 113 -3.17 25.97 3.74
N TYR D 114 -2.89 27.27 3.98
CA TYR D 114 -2.14 28.11 3.06
C TYR D 114 -1.20 28.93 3.95
N GLN D 115 0.10 28.77 3.76
CA GLN D 115 1.09 29.52 4.56
C GLN D 115 2.33 29.75 3.71
N ALA D 116 3.00 30.92 3.95
CA ALA D 116 4.17 31.29 3.16
C ALA D 116 5.31 31.71 4.05
N ALA D 117 6.53 31.55 3.55
CA ALA D 117 7.77 31.90 4.27
C ALA D 117 8.67 32.73 3.36
N TYR D 118 9.38 33.68 3.96
CA TYR D 118 10.40 34.43 3.23
C TYR D 118 11.75 34.21 3.91
N ASP D 119 12.72 33.76 3.10
CA ASP D 119 14.04 33.41 3.57
C ASP D 119 14.00 32.50 4.81
N GLY D 120 13.10 31.52 4.74
CA GLY D 120 13.10 30.39 5.67
C GLY D 120 12.40 30.68 6.97
N SER D 121 11.72 31.84 7.08
CA SER D 121 10.93 32.24 8.27
C SER D 121 9.47 32.53 7.92
N ASP D 122 8.57 32.21 8.88
CA ASP D 122 7.15 32.49 8.72
C ASP D 122 6.94 33.92 8.28
N TYR D 123 6.06 34.10 7.33
CA TYR D 123 5.66 35.39 6.79
C TYR D 123 4.16 35.62 6.96
N ILE D 124 3.33 34.74 6.41
CA ILE D 124 1.89 34.83 6.63
C ILE D 124 1.29 33.43 6.66
N THR D 125 0.29 33.28 7.48
CA THR D 125 -0.39 32.01 7.70
C THR D 125 -1.91 32.18 7.67
N LEU D 126 -2.62 31.32 6.94
CA LEU D 126 -4.09 31.36 6.98
C LEU D 126 -4.59 30.60 8.19
N ASN D 127 -5.54 31.19 8.93
CA ASN D 127 -5.99 30.54 10.15
C ASN D 127 -6.97 29.41 9.84
N GLU D 128 -7.28 28.60 10.85
CA GLU D 128 -8.14 27.42 10.68
C GLU D 128 -9.54 27.78 10.19
N ASP D 129 -10.03 29.01 10.44
CA ASP D 129 -11.35 29.42 9.95
C ASP D 129 -11.34 29.66 8.44
N LEU D 130 -10.17 29.65 7.82
CA LEU D 130 -9.97 29.85 6.40
C LEU D 130 -10.52 31.22 5.94
N SER D 131 -10.63 32.19 6.86
CA SER D 131 -11.02 33.57 6.51
C SER D 131 -10.19 34.68 7.15
N SER D 132 -9.27 34.39 8.07
CA SER D 132 -8.41 35.39 8.69
C SER D 132 -6.97 34.89 8.64
N TRP D 133 -6.04 35.85 8.77
CA TRP D 133 -4.60 35.65 8.51
C TRP D 133 -3.80 36.08 9.72
N THR D 134 -2.68 35.40 9.98
CA THR D 134 -1.76 35.76 11.06
C THR D 134 -0.43 36.21 10.45
N ALA D 135 -0.02 37.43 10.80
CA ALA D 135 1.23 38.01 10.31
C ALA D 135 2.27 37.92 11.41
N VAL D 136 3.49 38.42 11.11
CA VAL D 136 4.64 38.37 12.01
C VAL D 136 5.44 39.66 12.21
N ASP D 137 5.22 40.65 11.38
CA ASP D 137 5.97 41.93 11.43
C ASP D 137 5.21 42.99 10.65
N MET D 138 5.83 44.18 10.48
CA MET D 138 5.10 45.28 9.87
C MET D 138 4.79 44.99 8.40
N VAL D 139 5.73 44.43 7.66
CA VAL D 139 5.49 44.19 6.25
C VAL D 139 4.38 43.15 6.06
N SER D 140 4.44 42.00 6.78
CA SER D 140 3.43 41.01 6.60
C SER D 140 2.08 41.48 7.11
N GLN D 141 2.06 42.45 8.05
CA GLN D 141 0.83 43.07 8.52
C GLN D 141 0.19 43.87 7.39
N ILE D 142 1.00 44.45 6.47
CA ILE D 142 0.44 45.11 5.28
C ILE D 142 -0.24 44.09 4.39
N THR D 143 0.39 42.92 4.23
CA THR D 143 -0.22 41.84 3.49
C THR D 143 -1.55 41.41 4.12
N LYS D 144 -1.56 41.16 5.45
CA LYS D 144 -2.80 40.75 6.13
C LYS D 144 -3.97 41.73 5.91
N SER D 145 -3.69 43.00 6.08
CA SER D 145 -4.68 44.04 5.87
C SER D 145 -5.28 43.95 4.46
N ARG D 146 -4.41 43.86 3.45
CA ARG D 146 -4.87 43.83 2.06
C ARG D 146 -5.65 42.57 1.75
N LEU D 147 -5.17 41.41 2.19
CA LEU D 147 -5.88 40.14 1.98
C LEU D 147 -7.22 40.15 2.64
N GLU D 148 -7.31 40.68 3.87
CA GLU D 148 -8.60 40.71 4.55
C GLU D 148 -9.56 41.72 3.88
N SER D 149 -9.05 42.90 3.50
CA SER D 149 -9.87 43.87 2.79
C SER D 149 -10.35 43.34 1.42
N ALA D 150 -9.54 42.52 0.74
CA ALA D 150 -9.88 41.96 -0.55
C ALA D 150 -10.72 40.69 -0.50
N GLY D 151 -10.75 39.99 0.63
CA GLY D 151 -11.50 38.76 0.72
C GLY D 151 -10.78 37.62 0.06
N THR D 152 -9.46 37.71 -0.05
CA THR D 152 -8.70 36.84 -0.92
C THR D 152 -8.81 35.37 -0.50
N ALA D 153 -8.95 35.11 0.79
CA ALA D 153 -9.14 33.75 1.26
C ALA D 153 -10.37 33.07 0.65
N GLU D 154 -11.34 33.81 0.16
CA GLU D 154 -12.50 33.13 -0.46
C GLU D 154 -12.06 32.29 -1.67
N TYR D 155 -11.06 32.76 -2.42
CA TYR D 155 -10.65 32.02 -3.61
C TYR D 155 -9.83 30.81 -3.23
N PHE D 156 -9.10 30.87 -2.10
CA PHE D 156 -8.44 29.63 -1.59
C PHE D 156 -9.47 28.57 -1.22
N ARG D 157 -10.52 28.97 -0.49
CA ARG D 157 -11.55 28.02 -0.13
C ARG D 157 -12.21 27.40 -1.36
N ALA D 158 -12.39 28.17 -2.45
CA ALA D 158 -12.97 27.59 -3.66
C ALA D 158 -12.04 26.60 -4.31
N TYR D 159 -10.73 26.83 -4.23
CA TYR D 159 -9.73 25.89 -4.71
C TYR D 159 -9.77 24.60 -3.89
N VAL D 160 -9.94 24.73 -2.57
CA VAL D 160 -9.98 23.55 -1.69
C VAL D 160 -11.19 22.71 -2.03
N GLU D 161 -12.36 23.35 -2.12
CA GLU D 161 -13.61 22.60 -2.25
C GLU D 161 -13.73 22.04 -3.64
N GLY D 162 -12.95 22.61 -4.58
CA GLY D 162 -12.92 22.19 -5.97
C GLY D 162 -11.77 21.22 -6.24
N GLU D 163 -10.68 21.73 -6.77
CA GLU D 163 -9.63 20.88 -7.31
C GLU D 163 -8.96 20.10 -6.19
N CYS D 164 -8.72 20.72 -5.04
CA CYS D 164 -7.96 20.03 -3.99
C CYS D 164 -8.70 18.76 -3.53
N LEU D 165 -9.99 18.90 -3.17
CA LEU D 165 -10.78 17.72 -2.79
C LEU D 165 -10.97 16.71 -3.94
N GLU D 166 -11.18 17.21 -5.17
CA GLU D 166 -11.37 16.29 -6.29
C GLU D 166 -10.13 15.45 -6.53
N LEU D 167 -8.94 16.07 -6.49
CA LEU D 167 -7.73 15.30 -6.72
C LEU D 167 -7.42 14.34 -5.57
N LEU D 168 -7.58 14.79 -4.33
CA LEU D 168 -7.34 13.89 -3.21
C LEU D 168 -8.23 12.66 -3.27
N HIS D 169 -9.53 12.84 -3.57
CA HIS D 169 -10.43 11.67 -3.71
C HIS D 169 -9.96 10.77 -4.82
N ARG D 170 -9.53 11.34 -5.93
CA ARG D 170 -9.25 10.48 -7.07
C ARG D 170 -7.94 9.75 -6.85
N PHE D 171 -6.96 10.44 -6.23
CA PHE D 171 -5.70 9.74 -5.94
C PHE D 171 -5.86 8.67 -4.89
N LEU D 172 -6.71 8.90 -3.88
CA LEU D 172 -6.98 7.89 -2.88
C LEU D 172 -7.57 6.63 -3.51
N ARG D 173 -8.47 6.82 -4.49
CA ARG D 173 -9.11 5.69 -5.17
C ARG D 173 -8.11 4.98 -6.06
N ASN D 174 -7.46 5.73 -6.96
CA ASN D 174 -6.57 5.10 -7.94
C ASN D 174 -5.29 4.61 -7.29
N GLY D 175 -4.93 5.15 -6.13
CA GLY D 175 -3.73 4.69 -5.38
C GLY D 175 -4.06 3.93 -4.11
N LYS D 176 -5.19 3.21 -4.12
CA LYS D 176 -5.74 2.73 -2.88
C LYS D 176 -4.77 1.79 -2.17
N GLU D 177 -4.08 0.92 -2.91
CA GLU D 177 -3.26 -0.10 -2.24
C GLU D 177 -2.04 0.50 -1.52
N ILE D 178 -1.53 1.61 -2.04
CA ILE D 178 -0.39 2.29 -1.42
C ILE D 178 -0.85 3.20 -0.29
N LEU D 179 -1.92 3.98 -0.56
CA LEU D 179 -2.26 5.08 0.32
C LEU D 179 -3.19 4.68 1.46
N GLN D 180 -4.14 3.74 1.24
CA GLN D 180 -5.07 3.33 2.29
C GLN D 180 -4.54 2.06 2.97
N ARG D 181 -3.46 2.27 3.70
CA ARG D 181 -2.73 1.19 4.36
C ARG D 181 -2.02 1.73 5.58
N ALA D 182 -1.77 0.82 6.55
CA ALA D 182 -0.93 1.16 7.70
C ALA D 182 -0.12 -0.09 7.93
N ASP D 183 1.17 0.04 7.75
CA ASP D 183 2.08 -1.12 7.97
C ASP D 183 2.81 -0.89 9.30
N PRO D 184 2.68 -1.77 10.28
CA PRO D 184 3.23 -1.46 11.55
C PRO D 184 4.74 -1.66 11.55
N PRO D 185 5.41 -1.10 12.55
CA PRO D 185 6.85 -1.23 12.64
C PRO D 185 7.21 -2.58 13.21
N LYS D 186 8.30 -3.10 12.70
CA LYS D 186 9.03 -4.17 13.37
C LYS D 186 9.91 -3.52 14.43
N ALA D 187 9.79 -3.94 15.68
CA ALA D 187 10.46 -3.20 16.75
C ALA D 187 11.23 -4.14 17.65
N HIS D 188 12.40 -3.66 18.09
CA HIS D 188 13.21 -4.49 18.98
C HIS D 188 14.19 -3.58 19.72
N VAL D 189 14.82 -4.13 20.78
CA VAL D 189 15.81 -3.37 21.54
C VAL D 189 17.17 -4.01 21.30
N ALA D 190 18.15 -3.18 20.92
CA ALA D 190 19.53 -3.59 20.76
C ALA D 190 20.36 -3.10 21.93
N HIS D 191 21.46 -3.83 22.20
CA HIS D 191 22.25 -3.68 23.43
C HIS D 191 23.71 -3.47 23.06
N HIS D 192 24.30 -2.35 23.48
CA HIS D 192 25.68 -2.01 23.13
C HIS D 192 26.46 -1.47 24.33
N PRO D 193 27.28 -2.29 24.96
CA PRO D 193 28.05 -1.80 26.12
C PRO D 193 28.98 -0.65 25.73
N ARG D 194 29.22 0.24 26.69
CA ARG D 194 30.03 1.41 26.43
C ARG D 194 31.38 1.26 27.10
N PRO D 195 32.43 1.80 26.51
CA PRO D 195 33.78 1.62 27.09
C PRO D 195 33.88 1.92 28.57
N LYS D 196 32.96 2.73 29.11
CA LYS D 196 33.06 3.08 30.53
C LYS D 196 32.60 1.95 31.44
N GLY D 197 31.63 1.15 31.02
CA GLY D 197 31.09 0.07 31.82
C GLY D 197 29.58 -0.02 31.75
N ASP D 198 28.95 1.08 31.31
CA ASP D 198 27.50 1.14 31.21
C ASP D 198 27.05 0.75 29.80
N VAL D 199 25.79 0.94 29.49
CA VAL D 199 25.21 0.32 28.29
C VAL D 199 24.23 1.26 27.58
N THR D 200 24.31 1.28 26.25
CA THR D 200 23.29 1.93 25.44
C THR D 200 22.22 0.88 25.11
N LEU D 201 20.97 1.24 25.34
CA LEU D 201 19.82 0.50 24.85
C LEU D 201 19.25 1.31 23.70
N ARG D 202 19.12 0.68 22.53
CA ARG D 202 18.65 1.36 21.33
C ARG D 202 17.38 0.67 20.88
N CYS D 203 16.28 1.40 20.92
CA CYS D 203 14.98 0.89 20.49
C CYS D 203 14.77 1.25 19.04
N TRP D 204 14.64 0.22 18.19
CA TRP D 204 14.53 0.33 16.76
C TRP D 204 13.09 0.09 16.31
N ALA D 205 12.64 0.88 15.33
CA ALA D 205 11.41 0.65 14.60
C ALA D 205 11.72 0.73 13.13
N LEU D 206 11.30 -0.30 12.36
CA LEU D 206 11.65 -0.36 10.96
C LEU D 206 10.43 -0.77 10.14
N GLY D 207 10.41 -0.35 8.88
CA GLY D 207 9.42 -0.89 7.96
C GLY D 207 8.02 -0.33 8.06
N PHE D 208 7.84 0.85 8.68
CA PHE D 208 6.51 1.34 9.02
C PHE D 208 6.04 2.38 7.99
N TYR D 209 4.73 2.46 7.85
CA TYR D 209 4.01 3.46 7.00
C TYR D 209 2.65 3.66 7.66
N PRO D 210 2.20 4.91 7.85
CA PRO D 210 2.88 6.13 7.54
C PRO D 210 4.06 6.51 8.41
N ALA D 211 4.67 7.67 8.23
CA ALA D 211 5.90 7.99 8.89
C ALA D 211 5.70 8.38 10.34
N ASP D 212 4.53 8.89 10.71
CA ASP D 212 4.31 9.36 12.07
C ASP D 212 4.40 8.17 13.05
N ILE D 213 5.12 8.37 14.13
CA ILE D 213 5.44 7.33 15.09
C ILE D 213 5.96 8.02 16.35
N THR D 214 5.75 7.38 17.48
CA THR D 214 6.26 7.80 18.77
C THR D 214 7.02 6.64 19.40
N LEU D 215 8.28 6.89 19.74
CA LEU D 215 9.13 5.99 20.52
C LEU D 215 9.41 6.65 21.85
N THR D 216 9.22 5.93 22.94
CA THR D 216 9.37 6.50 24.27
C THR D 216 10.06 5.50 25.20
N TRP D 217 11.14 5.93 25.85
CA TRP D 217 11.76 5.12 26.89
C TRP D 217 11.24 5.51 28.27
N GLN D 218 11.15 4.53 29.16
CA GLN D 218 10.79 4.79 30.56
C GLN D 218 11.63 3.93 31.48
N LYS D 219 11.92 4.47 32.66
CA LYS D 219 12.48 3.68 33.75
C LYS D 219 11.38 3.50 34.78
N ASP D 220 11.05 2.25 35.10
CA ASP D 220 9.91 1.96 35.95
C ASP D 220 8.70 2.72 35.40
N GLU D 221 8.21 3.73 36.11
CA GLU D 221 7.14 4.56 35.55
C GLU D 221 7.59 6.02 35.52
N GLU D 222 8.69 6.29 34.80
CA GLU D 222 9.25 7.64 34.73
C GLU D 222 9.63 7.93 33.30
N ASP D 223 9.00 8.93 32.70
CA ASP D 223 9.25 9.23 31.30
C ASP D 223 10.65 9.80 31.14
N LEU D 224 11.42 9.21 30.23
CA LEU D 224 12.78 9.66 29.97
C LEU D 224 12.89 10.32 28.60
N THR D 225 11.77 10.87 28.11
CA THR D 225 11.73 11.44 26.77
C THR D 225 12.82 12.48 26.55
N GLN D 226 13.18 13.21 27.59
CA GLN D 226 14.19 14.25 27.50
C GLN D 226 15.60 13.73 27.73
N ASP D 227 15.76 12.43 28.00
CA ASP D 227 17.06 11.81 28.22
C ASP D 227 17.47 10.83 27.12
N MET D 228 16.64 10.61 26.12
CA MET D 228 17.05 9.70 25.05
C MET D 228 17.66 10.50 23.91
N GLU D 229 18.55 9.86 23.18
CA GLU D 229 18.92 10.32 21.85
C GLU D 229 17.88 9.79 20.87
N LEU D 230 17.18 10.69 20.18
CA LEU D 230 16.09 10.37 19.30
C LEU D 230 16.43 10.90 17.91
N VAL D 231 16.74 10.01 16.96
CA VAL D 231 17.05 10.42 15.59
C VAL D 231 15.77 10.80 14.85
N GLU D 232 15.91 11.72 13.90
CA GLU D 232 14.79 12.04 13.02
C GLU D 232 14.32 10.85 12.23
N THR D 233 13.00 10.75 12.07
CA THR D 233 12.42 9.67 11.25
C THR D 233 12.93 9.78 9.83
N ARG D 234 13.24 8.64 9.22
CA ARG D 234 14.11 8.66 8.00
C ARG D 234 13.59 7.63 7.03
N PRO D 235 13.57 7.96 5.74
CA PRO D 235 13.13 7.00 4.72
C PRO D 235 14.05 5.82 4.50
N SER D 236 13.45 4.66 4.26
CA SER D 236 14.24 3.52 3.86
C SER D 236 14.60 3.56 2.40
N GLY D 237 13.87 4.33 1.63
CA GLY D 237 14.09 4.53 0.24
C GLY D 237 13.11 3.75 -0.61
N ASP D 238 12.32 2.88 0.01
CA ASP D 238 11.38 2.02 -0.73
C ASP D 238 9.93 2.25 -0.32
N GLY D 239 9.62 3.33 0.38
CA GLY D 239 8.26 3.60 0.78
C GLY D 239 7.96 3.47 2.23
N THR D 240 8.84 2.84 3.00
CA THR D 240 8.68 2.76 4.45
C THR D 240 9.70 3.63 5.16
N PHE D 241 9.51 3.74 6.48
CA PHE D 241 10.30 4.59 7.32
C PHE D 241 10.94 3.81 8.48
N GLN D 242 11.93 4.46 9.07
CA GLN D 242 12.71 3.91 10.20
C GLN D 242 13.02 5.00 11.23
N LYS D 243 13.24 4.57 12.49
CA LYS D 243 13.60 5.46 13.59
C LYS D 243 14.21 4.64 14.73
N TRP D 244 15.08 5.29 15.50
CA TRP D 244 15.54 4.69 16.75
C TRP D 244 15.69 5.71 17.86
N ALA D 245 15.72 5.20 19.08
CA ALA D 245 15.73 5.98 20.30
C ALA D 245 16.63 5.24 21.29
N ALA D 246 17.57 5.95 21.91
CA ALA D 246 18.59 5.30 22.70
C ALA D 246 18.65 5.98 24.06
N VAL D 247 18.88 5.16 25.08
CA VAL D 247 19.15 5.62 26.45
C VAL D 247 20.41 4.92 26.93
N VAL D 248 21.11 5.60 27.83
CA VAL D 248 22.31 5.08 28.46
C VAL D 248 21.94 4.65 29.87
N VAL D 249 22.33 3.44 30.25
CA VAL D 249 21.85 2.82 31.48
C VAL D 249 22.96 2.07 32.15
N PRO D 250 22.95 1.94 33.47
CA PRO D 250 24.00 1.17 34.15
C PRO D 250 23.90 -0.30 33.79
N SER D 251 25.06 -0.93 33.63
CA SER D 251 25.10 -2.38 33.51
C SER D 251 24.42 -3.02 34.71
N GLY D 252 23.60 -4.04 34.45
CA GLY D 252 22.87 -4.73 35.49
C GLY D 252 21.44 -4.27 35.70
N GLU D 253 21.04 -3.12 35.15
CA GLU D 253 19.73 -2.53 35.42
C GLU D 253 18.84 -2.49 34.18
N GLU D 254 19.24 -3.18 33.10
CA GLU D 254 18.58 -3.01 31.81
C GLU D 254 17.10 -3.39 31.87
N GLN D 255 16.71 -4.24 32.82
CA GLN D 255 15.32 -4.65 32.89
C GLN D 255 14.46 -3.60 33.59
N ARG D 256 15.05 -2.53 34.08
CA ARG D 256 14.26 -1.42 34.61
C ARG D 256 13.64 -0.56 33.53
N TYR D 257 13.95 -0.80 32.26
CA TYR D 257 13.65 0.11 31.18
C TYR D 257 12.73 -0.58 30.15
N THR D 258 11.82 0.20 29.61
CA THR D 258 10.88 -0.25 28.60
C THR D 258 10.84 0.80 27.52
N CYS D 259 10.84 0.35 26.27
CA CYS D 259 10.57 1.18 25.14
C CYS D 259 9.12 0.98 24.68
N TYR D 260 8.36 2.09 24.58
CA TYR D 260 6.99 2.00 24.10
C TYR D 260 6.90 2.52 22.69
N VAL D 261 6.14 1.82 21.86
CA VAL D 261 6.01 2.15 20.43
C VAL D 261 4.53 2.44 20.15
N HIS D 262 4.22 3.62 19.61
CA HIS D 262 2.87 3.97 19.18
C HIS D 262 2.89 4.18 17.66
N HIS D 263 2.05 3.42 16.92
CA HIS D 263 1.90 3.66 15.48
C HIS D 263 0.50 3.21 15.05
N GLU D 264 0.03 3.79 13.91
CA GLU D 264 -1.34 3.52 13.43
C GLU D 264 -1.57 2.07 13.00
N GLY D 265 -0.54 1.38 12.56
CA GLY D 265 -0.62 -0.03 12.17
C GLY D 265 -0.72 -0.99 13.35
N LEU D 266 -0.54 -0.53 14.56
CA LEU D 266 -0.61 -1.33 15.79
C LEU D 266 -1.98 -1.16 16.41
N THR D 267 -2.60 -2.26 16.91
CA THR D 267 -3.90 -2.04 17.56
C THR D 267 -3.75 -1.60 19.03
N GLU D 268 -2.51 -1.50 19.54
CA GLU D 268 -2.21 -0.93 20.87
C GLU D 268 -0.70 -0.64 20.93
N PRO D 269 -0.24 0.10 21.93
CA PRO D 269 1.21 0.34 22.04
C PRO D 269 1.96 -0.95 22.32
N LEU D 270 3.15 -1.09 21.72
CA LEU D 270 4.02 -2.19 22.08
C LEU D 270 4.88 -1.70 23.24
N ALA D 271 5.11 -2.57 24.22
CA ALA D 271 6.07 -2.32 25.30
C ALA D 271 7.20 -3.33 25.21
N LEU D 272 8.43 -2.85 24.96
CA LEU D 272 9.55 -3.73 24.71
C LEU D 272 10.64 -3.53 25.75
N LYS D 273 11.34 -4.63 26.04
CA LYS D 273 12.48 -4.70 26.93
C LYS D 273 13.65 -5.39 26.23
N TRP D 274 14.86 -5.27 26.81
CA TRP D 274 16.00 -5.98 26.24
C TRP D 274 15.92 -7.47 26.55
N ARG D 275 16.16 -8.30 25.52
CA ARG D 275 16.31 -9.77 25.60
C ARG D 275 15.11 -10.42 24.89
N ILE E 1 17.67 33.57 7.13
CA ILE E 1 18.35 32.69 8.11
C ILE E 1 18.98 31.51 7.43
N GLN E 2 20.21 31.20 7.85
CA GLN E 2 20.88 29.97 7.45
C GLN E 2 20.66 28.90 8.51
N LYS E 3 20.54 27.64 8.05
CA LYS E 3 20.34 26.49 8.93
C LYS E 3 21.28 25.40 8.47
N THR E 4 22.01 24.78 9.46
CA THR E 4 23.06 23.81 9.15
CA THR E 4 23.05 23.82 9.15
C THR E 4 22.45 22.43 8.95
N PRO E 5 22.96 21.64 8.02
CA PRO E 5 22.42 20.34 7.79
C PRO E 5 22.77 19.32 8.89
N GLN E 6 21.83 18.41 9.09
CA GLN E 6 21.97 17.21 9.91
C GLN E 6 22.04 16.04 8.94
N ILE E 7 22.86 15.05 9.26
CA ILE E 7 23.18 13.98 8.31
C ILE E 7 23.04 12.69 9.06
N GLN E 8 22.28 11.76 8.47
CA GLN E 8 22.23 10.35 8.94
C GLN E 8 22.69 9.45 7.80
N VAL E 9 23.61 8.52 8.14
CA VAL E 9 24.17 7.58 7.17
C VAL E 9 23.75 6.20 7.66
N TYR E 10 23.06 5.45 6.81
CA TYR E 10 22.44 4.20 7.31
C TYR E 10 22.02 3.35 6.12
N SER E 11 21.92 2.02 6.39
CA SER E 11 21.49 1.12 5.36
C SER E 11 19.97 0.95 5.36
N ARG E 12 19.44 0.71 4.18
CA ARG E 12 18.02 0.42 4.03
C ARG E 12 17.61 -0.78 4.86
N HIS E 13 18.34 -1.86 4.73
CA HIS E 13 18.16 -3.12 5.45
C HIS E 13 19.30 -3.36 6.47
N PRO E 14 19.00 -4.02 7.58
CA PRO E 14 20.02 -4.34 8.54
C PRO E 14 21.19 -5.03 7.86
N PRO E 15 22.41 -4.58 8.14
CA PRO E 15 23.56 -5.07 7.38
C PRO E 15 23.95 -6.50 7.70
N GLU E 16 24.45 -7.18 6.66
CA GLU E 16 24.97 -8.54 6.69
C GLU E 16 26.12 -8.60 5.68
N ASN E 17 27.31 -8.97 6.16
CA ASN E 17 28.49 -8.88 5.31
C ASN E 17 28.32 -9.77 4.09
N GLY E 18 28.63 -9.24 2.92
CA GLY E 18 28.53 -10.01 1.70
C GLY E 18 27.16 -10.02 1.06
N LYS E 19 26.19 -9.29 1.62
CA LYS E 19 24.80 -9.27 1.15
C LYS E 19 24.44 -7.93 0.54
N PRO E 20 23.95 -7.88 -0.71
CA PRO E 20 23.66 -6.59 -1.33
C PRO E 20 22.62 -5.77 -0.56
N ASN E 21 22.90 -4.46 -0.44
CA ASN E 21 22.11 -3.52 0.35
C ASN E 21 22.08 -2.19 -0.38
N ILE E 22 21.47 -1.17 0.25
CA ILE E 22 21.43 0.21 -0.25
C ILE E 22 21.90 1.11 0.90
N LEU E 23 22.88 1.98 0.62
CA LEU E 23 23.40 2.90 1.63
C LEU E 23 22.75 4.26 1.42
N ASN E 24 22.12 4.77 2.47
CA ASN E 24 21.41 6.04 2.45
C ASN E 24 22.18 7.14 3.16
N CYS E 25 22.08 8.35 2.65
CA CYS E 25 22.58 9.55 3.31
C CYS E 25 21.43 10.54 3.25
N TYR E 26 20.81 10.74 4.41
CA TYR E 26 19.61 11.57 4.56
C TYR E 26 20.04 12.86 5.23
N VAL E 27 19.80 13.97 4.50
CA VAL E 27 20.25 15.30 4.91
C VAL E 27 19.04 16.20 5.13
N THR E 28 18.97 16.77 6.31
CA THR E 28 17.79 17.51 6.74
C THR E 28 18.19 18.82 7.40
N GLN E 29 17.17 19.66 7.61
CA GLN E 29 17.21 20.85 8.47
C GLN E 29 18.05 21.94 7.90
N PHE E 30 18.31 21.96 6.60
CA PHE E 30 19.15 23.02 6.08
C PHE E 30 18.40 24.07 5.27
N HIS E 31 19.03 25.28 5.22
CA HIS E 31 18.50 26.48 4.56
C HIS E 31 19.71 27.37 4.30
N PRO E 32 19.91 27.87 3.06
CA PRO E 32 19.11 27.76 1.85
C PRO E 32 19.21 26.42 1.14
N PRO E 33 18.48 26.24 0.04
CA PRO E 33 18.35 24.86 -0.48
C PRO E 33 19.61 24.32 -1.16
N HIS E 34 20.53 25.15 -1.57
CA HIS E 34 21.64 24.68 -2.39
C HIS E 34 22.62 23.89 -1.54
N ILE E 35 22.95 22.68 -1.99
CA ILE E 35 23.80 21.78 -1.19
C ILE E 35 24.55 20.82 -2.10
N GLU E 36 25.67 20.30 -1.57
CA GLU E 36 26.50 19.36 -2.31
C GLU E 36 26.71 18.15 -1.43
N ILE E 37 26.43 16.97 -1.97
CA ILE E 37 26.48 15.70 -1.22
C ILE E 37 27.28 14.70 -2.04
N GLN E 38 28.26 14.08 -1.38
CA GLN E 38 29.03 12.99 -1.96
C GLN E 38 28.98 11.81 -1.01
N MET E 39 29.02 10.61 -1.57
CA MET E 39 29.28 9.40 -0.77
C MET E 39 30.62 8.77 -1.17
N LEU E 40 31.31 8.19 -0.18
CA LEU E 40 32.67 7.68 -0.34
C LEU E 40 32.88 6.29 0.22
N LYS E 41 33.66 5.48 -0.51
CA LYS E 41 34.07 4.15 -0.10
C LYS E 41 35.59 4.16 0.04
N ASN E 42 36.11 3.88 1.24
CA ASN E 42 37.55 3.74 1.41
C ASN E 42 38.28 4.94 0.79
N GLY E 43 37.76 6.14 1.07
CA GLY E 43 38.44 7.37 0.66
C GLY E 43 38.28 7.75 -0.79
N LYS E 44 37.38 7.11 -1.54
CA LYS E 44 37.13 7.47 -2.93
C LYS E 44 35.68 7.79 -3.15
N LYS E 45 35.40 8.84 -3.93
CA LYS E 45 34.02 9.17 -4.25
C LYS E 45 33.38 8.03 -5.05
N ILE E 46 32.17 7.66 -4.65
CA ILE E 46 31.35 6.67 -5.35
C ILE E 46 30.69 7.34 -6.56
N PRO E 47 30.79 6.78 -7.75
CA PRO E 47 30.34 7.53 -8.93
C PRO E 47 28.83 7.56 -9.05
N LYS E 48 28.17 6.41 -8.98
CA LYS E 48 26.73 6.34 -9.23
C LYS E 48 26.05 6.56 -7.89
N VAL E 49 25.71 7.81 -7.61
CA VAL E 49 24.94 8.17 -6.43
C VAL E 49 23.65 8.84 -6.86
N GLU E 50 22.52 8.26 -6.49
CA GLU E 50 21.22 8.75 -6.86
C GLU E 50 20.66 9.71 -5.81
N MET E 51 19.88 10.70 -6.28
CA MET E 51 19.28 11.69 -5.40
C MET E 51 17.76 11.68 -5.55
N SER E 52 17.06 11.86 -4.42
CA SER E 52 15.63 12.14 -4.46
C SER E 52 15.39 13.59 -4.84
N ASP E 53 14.14 13.92 -5.17
CA ASP E 53 13.83 15.34 -5.21
C ASP E 53 14.01 15.95 -3.83
N MET E 54 14.40 17.24 -3.80
CA MET E 54 14.45 17.99 -2.57
C MET E 54 13.04 18.42 -2.19
N SER E 55 12.73 18.38 -0.89
CA SER E 55 11.45 18.89 -0.40
C SER E 55 11.75 19.69 0.83
N PHE E 56 10.71 20.07 1.56
CA PHE E 56 10.94 20.78 2.82
C PHE E 56 9.88 20.43 3.84
N SER E 57 10.17 20.79 5.10
CA SER E 57 9.36 20.41 6.25
C SER E 57 8.48 21.58 6.69
N LYS E 58 7.63 21.33 7.69
CA LYS E 58 6.70 22.38 8.11
C LYS E 58 7.40 23.58 8.72
N ASP E 59 8.63 23.41 9.22
CA ASP E 59 9.45 24.53 9.67
C ASP E 59 10.28 25.16 8.55
N TRP E 60 10.00 24.82 7.28
CA TRP E 60 10.53 25.40 6.03
C TRP E 60 11.94 24.89 5.72
N SER E 61 12.57 24.10 6.61
CA SER E 61 13.87 23.60 6.25
C SER E 61 13.77 22.46 5.23
N PHE E 62 14.81 22.32 4.44
CA PHE E 62 14.84 21.41 3.32
C PHE E 62 15.45 20.05 3.70
N TYR E 63 15.08 19.04 2.91
CA TYR E 63 15.62 17.71 3.16
C TYR E 63 15.73 16.95 1.83
N ILE E 64 16.67 15.99 1.76
CA ILE E 64 16.96 15.28 0.52
C ILE E 64 17.60 13.95 0.89
N LEU E 65 17.37 12.92 0.06
CA LEU E 65 17.99 11.60 0.25
C LEU E 65 18.94 11.25 -0.89
N ALA E 66 20.20 10.96 -0.56
CA ALA E 66 21.10 10.35 -1.53
C ALA E 66 21.27 8.86 -1.23
N HIS E 67 21.53 8.08 -2.26
CA HIS E 67 21.69 6.66 -1.99
C HIS E 67 22.47 5.98 -3.09
N THR E 68 23.06 4.83 -2.76
CA THR E 68 23.83 4.03 -3.69
C THR E 68 23.72 2.57 -3.26
N GLU E 69 23.90 1.67 -4.23
CA GLU E 69 23.98 0.25 -3.93
C GLU E 69 25.32 -0.05 -3.26
N PHE E 70 25.33 -0.99 -2.33
CA PHE E 70 26.59 -1.33 -1.66
C PHE E 70 26.44 -2.71 -1.05
N THR E 71 27.56 -3.42 -0.94
CA THR E 71 27.63 -4.67 -0.24
C THR E 71 28.60 -4.56 0.95
N PRO E 72 28.12 -4.47 2.18
CA PRO E 72 29.02 -4.25 3.32
C PRO E 72 30.01 -5.39 3.47
N THR E 73 31.16 -5.09 4.10
CA THR E 73 32.18 -6.08 4.41
C THR E 73 32.78 -5.76 5.77
N GLU E 74 33.55 -6.72 6.30
CA GLU E 74 34.18 -6.50 7.59
C GLU E 74 35.11 -5.30 7.55
N THR E 75 35.72 -5.04 6.39
CA THR E 75 36.84 -4.11 6.30
C THR E 75 36.50 -2.75 5.69
N ASP E 76 35.55 -2.67 4.78
CA ASP E 76 35.32 -1.44 4.03
C ASP E 76 34.61 -0.38 4.87
N THR E 77 34.96 0.89 4.62
CA THR E 77 34.45 2.02 5.36
C THR E 77 33.73 2.93 4.37
N TYR E 78 32.59 3.46 4.82
CA TYR E 78 31.74 4.33 4.04
C TYR E 78 31.45 5.60 4.77
N ALA E 79 31.27 6.68 4.01
CA ALA E 79 31.02 7.98 4.61
C ALA E 79 30.23 8.87 3.65
N CYS E 80 29.56 9.85 4.23
CA CYS E 80 28.86 10.86 3.47
C CYS E 80 29.42 12.22 3.84
N ARG E 81 29.73 13.03 2.82
CA ARG E 81 30.32 14.35 2.99
C ARG E 81 29.41 15.39 2.36
N VAL E 82 29.08 16.43 3.12
CA VAL E 82 28.10 17.44 2.74
C VAL E 82 28.77 18.80 2.77
N LYS E 83 28.55 19.60 1.74
CA LYS E 83 29.05 20.97 1.68
C LYS E 83 27.84 21.89 1.58
N HIS E 84 27.74 22.83 2.50
CA HIS E 84 26.60 23.75 2.56
C HIS E 84 27.10 25.09 3.05
N ASP E 85 26.53 26.18 2.50
CA ASP E 85 27.04 27.52 2.79
C ASP E 85 26.98 27.87 4.26
N SER E 86 26.19 27.14 5.07
CA SER E 86 26.10 27.44 6.48
C SER E 86 27.32 26.99 7.25
N MET E 87 28.21 26.23 6.62
CA MET E 87 29.37 25.65 7.30
C MET E 87 30.68 26.07 6.63
N ALA E 88 31.68 26.39 7.47
CA ALA E 88 32.94 26.89 6.93
C ALA E 88 33.65 25.80 6.12
N GLU E 89 33.55 24.55 6.57
CA GLU E 89 34.21 23.43 5.93
C GLU E 89 33.19 22.31 5.78
N PRO E 90 33.40 21.39 4.84
CA PRO E 90 32.46 20.28 4.66
C PRO E 90 32.35 19.38 5.88
N LYS E 91 31.23 18.68 5.99
CA LYS E 91 30.98 17.82 7.16
C LYS E 91 30.91 16.38 6.69
N THR E 92 31.68 15.50 7.33
CA THR E 92 31.70 14.10 6.93
C THR E 92 31.13 13.24 8.05
N VAL E 93 30.22 12.34 7.68
CA VAL E 93 29.67 11.35 8.62
C VAL E 93 29.93 9.92 8.11
N TYR E 94 30.64 9.13 8.93
CA TYR E 94 30.93 7.75 8.52
C TYR E 94 29.73 6.86 8.86
N TRP E 95 29.55 5.81 8.07
CA TRP E 95 28.54 4.80 8.40
C TRP E 95 29.00 3.95 9.58
N ASP E 96 28.09 3.76 10.53
CA ASP E 96 28.26 2.95 11.71
C ASP E 96 27.16 1.89 11.64
N ARG E 97 27.56 0.64 11.53
CA ARG E 97 26.63 -0.47 11.31
C ARG E 97 25.61 -0.62 12.43
N ASP E 98 25.86 0.00 13.56
CA ASP E 98 25.00 -0.14 14.73
C ASP E 98 23.96 0.98 14.81
N MET E 99 23.94 1.91 13.85
CA MET E 99 23.12 3.12 13.93
C MET E 99 22.31 3.32 12.67
N FME F 1 -1.97 23.38 -6.36
CN FME F 1 -1.60 23.49 -5.09
O1 FME F 1 -0.64 24.26 -4.70
CA FME F 1 -1.39 24.21 -7.42
CB FME F 1 -1.37 23.49 -8.76
CG FME F 1 -0.45 22.28 -8.79
SD FME F 1 1.33 22.57 -8.41
CE FME F 1 1.87 23.45 -9.81
C FME F 1 -2.11 25.53 -7.46
O FME F 1 -2.99 25.83 -8.33
H FME F 1 -2.67 22.72 -6.62
HCN FME F 1 -2.19 22.85 -4.39
HA FME F 1 -0.31 24.50 -7.25
HB2 FME F 1 -1.06 24.23 -9.55
HB3 FME F 1 -2.43 23.17 -9.00
HG2 FME F 1 -0.49 21.81 -9.81
HG3 FME F 1 -0.81 21.52 -8.05
HE1 FME F 1 2.96 23.63 -9.68
HE2 FME F 1 1.28 24.41 -9.82
HE3 FME F 1 1.64 22.81 -10.70
N PHE F 2 -1.75 26.32 -6.46
CA PHE F 2 -2.40 27.59 -6.07
C PHE F 2 -1.43 28.53 -5.39
N PHE F 3 -1.45 29.81 -5.76
CA PHE F 3 -0.53 30.80 -5.22
C PHE F 3 -1.25 32.13 -5.00
N ILE F 4 -1.06 32.72 -3.81
CA ILE F 4 -1.59 34.04 -3.48
C ILE F 4 -0.47 35.09 -3.59
N ASN F 5 -0.71 36.15 -4.33
CA ASN F 5 0.24 37.28 -4.34
C ASN F 5 0.04 38.14 -3.11
N THR F 6 1.07 38.18 -2.26
CA THR F 6 1.00 38.74 -0.91
C THR F 6 1.32 40.23 -0.88
N LEU F 7 2.12 40.71 -1.83
CA LEU F 7 2.46 42.09 -1.91
C LEU F 7 2.41 42.48 -3.39
C1 NAG G . -5.82 -10.34 29.43
C2 NAG G . -5.40 -9.00 28.79
C3 NAG G . -3.90 -8.78 28.98
C4 NAG G . -3.52 -8.90 30.44
C5 NAG G . -4.06 -10.19 31.07
C6 NAG G . -3.87 -10.20 32.57
C7 NAG G . -6.73 -8.13 26.91
C8 NAG G . -6.95 -8.17 25.43
N2 NAG G . -5.75 -8.93 27.38
O3 NAG G . -3.57 -7.48 28.49
O4 NAG G . -2.10 -8.90 30.55
O5 NAG G . -5.47 -10.34 30.83
O6 NAG G . -4.08 -11.50 33.12
O7 NAG G . -7.42 -7.44 27.65
H2 NAG G . -5.89 -8.29 29.25
H3 NAG G . -3.41 -9.45 28.47
H4 NAG G . -3.90 -8.14 30.93
H5 NAG G . -3.61 -10.95 30.66
H61 NAG G . -4.50 -9.58 32.98
H62 NAG G . -2.96 -9.92 32.79
H81 NAG G . -7.66 -7.55 25.19
H82 NAG G . -7.20 -9.07 25.15
H83 NAG G . -6.13 -7.91 24.97
HN2 NAG G . -5.30 -9.45 26.79
HO3 NAG G . -2.70 -7.35 28.57
HO4 NAG G . -1.85 -8.53 31.33
HO6 NAG G . -3.96 -11.48 33.99
NA NA H . -23.37 -0.38 -15.01
NA NA I . -17.57 4.53 -27.09
NA NA J . -0.43 -11.05 -15.10
NA NA K . 5.49 28.40 12.29
NA NA L . -2.38 -2.47 8.79
NA NA M . 30.82 25.81 3.08
#